data_4BCM
#
_entry.id   4BCM
#
_cell.length_a   74.070
_cell.length_b   135.410
_cell.length_c   148.630
_cell.angle_alpha   90.00
_cell.angle_beta   90.00
_cell.angle_gamma   90.00
#
_symmetry.space_group_name_H-M   'P 21 21 21'
#
loop_
_entity.id
_entity.type
_entity.pdbx_description
1 polymer 'CYCLIN-DEPENDENT KINASE 2'
2 polymer CYCLIN-A2
3 polymer CYCLIN-A2
4 non-polymer 4-(4-methyl-2-methylimino-3H-1,3-thiazol-5-yl)-2-[(4-methyl-3-morpholin-4-ylsulfonyl-phenyl)amino]pyrimidine-5-carbonitrile
5 non-polymer MONOTHIOGLYCEROL
6 water water
#
loop_
_entity_poly.entity_id
_entity_poly.type
_entity_poly.pdbx_seq_one_letter_code
_entity_poly.pdbx_strand_id
1 'polypeptide(L)'
;PGSMENFQKVEKIGEGTYGVVYKARNKLTGEVVALKKIRLDTETEGVPSTAIREISLLKELNHPNIVKLLDVIHTENKLY
LVFEFLHQDLKKFMDASALTGIPLPLIKSYLFQLLQGLAFCHSHRVLHRDLKPQNLLINTEGAIKLADFGLARAFGVPVR
TY(TPO)HEVVTLWYRAPEILLGCKYYSTAVDIWSLGCIFAEMVTRRALFPGDSEIDQLFRIFRTLGTPDEVVWPGVTSM
PDYKPSFPKWARQDFSKVVPPLDEDGRSLLSQMLHYDPNKRISAKAALAHPFFQDVTKPVPHLRL
;
A,C
2 'polypeptide(L)'
;SVNEVPDYHEDIHTYLREMEVKCKPKVGYMKKQPDITNSMRAILVDWLVEVGEEYKLQNETLHLAVNYIDRFLSSMSVLR
GKLQLVGTAAMLLASKFEEIYPPEVAEFVYITDDTYTKKQVLRMEHLVLKVLTFDLAAPTVNQFLTQYFLHQQPANCKVE
SLAMFLGELSLIDADPYLKYLPSVIAGAAFHLALYTVTGQSWPESLIRKTGYTLESLKPCLMDLHQTYLKAPQHAQQSIR
EKYKNSKYHGVSLLNPPETLNL
;
B
3 'polypeptide(L)'
;SVNEVPDYHEDIHTYLREMEVKCKPKVGYMKKQPDITNSMRAILVDWLVEVGEEYKLQNETLHLAVNYIDRFLSSMSVLR
GKLQLVGTAAMLLASKFEEIYPPEVAEFVYITDDTYTKKQVLRMEHLVLKVLTFDLAAPTVNQFLTQYFLHQQPANCKVE
LLAMFLGELSLIDADPYLKYLPSVIAGAAFHLALYTVTGQSWPESLIRKTGYTLESLKPCLMDLHQTYLKAPQHAQQSIR
EKYKNSKYHGVSLLNPPETLNL
;
D
#
loop_
_chem_comp.id
_chem_comp.type
_chem_comp.name
_chem_comp.formula
SGM non-polymer MONOTHIOGLYCEROL 'C3 H8 O2 S'
T7Z non-polymer 4-(4-methyl-2-methylimino-3H-1,3-thiazol-5-yl)-2-[(4-methyl-3-morpholin-4-ylsulfonyl-phenyl)amino]pyrimidine-5-carbonitrile 'C21 H23 N7 O3 S2'
#
# COMPACT_ATOMS: atom_id res chain seq x y z
N PRO A 1 11.56 1.65 -4.65
CA PRO A 1 11.17 3.04 -4.88
C PRO A 1 12.16 4.06 -4.31
N GLY A 2 13.17 4.41 -5.11
CA GLY A 2 14.14 5.43 -4.74
C GLY A 2 14.31 6.48 -5.84
N SER A 3 15.49 7.10 -5.90
CA SER A 3 15.75 8.17 -6.85
C SER A 3 16.86 7.86 -7.86
N MET A 4 17.06 8.77 -8.81
CA MET A 4 17.99 8.57 -9.92
C MET A 4 19.44 8.48 -9.48
N GLU A 5 19.65 8.64 -8.17
CA GLU A 5 20.98 8.55 -7.57
C GLU A 5 21.59 7.18 -7.84
N ASN A 6 20.77 6.15 -7.83
CA ASN A 6 21.24 4.79 -7.95
C ASN A 6 21.22 4.26 -9.37
N PHE A 7 20.74 5.08 -10.31
CA PHE A 7 20.72 4.68 -11.71
C PHE A 7 21.93 5.23 -12.47
N GLN A 8 22.50 4.38 -13.31
CA GLN A 8 23.63 4.74 -14.16
C GLN A 8 23.15 4.54 -15.59
N LYS A 9 23.12 5.61 -16.38
CA LYS A 9 22.66 5.47 -17.76
C LYS A 9 23.71 4.74 -18.58
N VAL A 10 23.25 3.84 -19.43
CA VAL A 10 24.13 2.97 -20.19
C VAL A 10 24.16 3.42 -21.64
N GLU A 11 23.01 3.88 -22.12
CA GLU A 11 22.87 4.39 -23.47
C GLU A 11 21.43 4.76 -23.74
N LYS A 12 21.21 5.59 -24.75
CA LYS A 12 19.87 5.93 -25.19
C LYS A 12 19.29 4.73 -25.92
N ILE A 13 17.97 4.55 -25.83
CA ILE A 13 17.31 3.46 -26.53
C ILE A 13 16.52 3.99 -27.72
N GLY A 14 15.75 5.05 -27.50
CA GLY A 14 14.90 5.60 -28.53
C GLY A 14 14.04 6.73 -28.00
N GLU A 15 12.87 6.91 -28.60
CA GLU A 15 11.99 8.02 -28.26
C GLU A 15 10.50 7.73 -28.43
N GLY A 16 9.70 8.59 -27.82
CA GLY A 16 8.26 8.54 -27.96
C GLY A 16 7.76 9.95 -28.22
N THR A 17 6.46 10.11 -28.46
CA THR A 17 5.91 11.43 -28.69
C THR A 17 5.99 12.25 -27.41
N TYR A 18 6.15 11.56 -26.28
CA TYR A 18 6.23 12.22 -24.98
C TYR A 18 7.51 11.85 -24.24
N GLY A 19 7.98 10.62 -24.44
CA GLY A 19 9.09 10.12 -23.67
C GLY A 19 10.42 9.95 -24.40
N VAL A 20 11.49 10.03 -23.63
CA VAL A 20 12.83 9.68 -24.10
C VAL A 20 13.29 8.48 -23.29
N VAL A 21 13.69 7.42 -23.98
CA VAL A 21 13.99 6.16 -23.30
C VAL A 21 15.50 5.86 -23.23
N TYR A 22 15.97 5.48 -22.04
CA TYR A 22 17.36 5.10 -21.83
C TYR A 22 17.43 3.74 -21.18
N LYS A 23 18.49 3.01 -21.50
CA LYS A 23 18.84 1.79 -20.76
C LYS A 23 19.67 2.22 -19.56
N ALA A 24 19.34 1.70 -18.39
CA ALA A 24 20.06 2.11 -17.19
C ALA A 24 20.34 0.91 -16.27
N ARG A 25 21.29 1.08 -15.37
CA ARG A 25 21.67 0.04 -14.45
C ARG A 25 21.49 0.56 -13.04
N ASN A 26 20.76 -0.19 -12.22
CA ASN A 26 20.69 0.12 -10.81
C ASN A 26 22.06 -0.25 -10.27
N LYS A 27 22.70 0.70 -9.58
CA LYS A 27 24.08 0.51 -9.17
C LYS A 27 24.22 -0.35 -7.91
N LEU A 28 23.15 -0.45 -7.14
CA LEU A 28 23.21 -1.25 -5.94
C LEU A 28 22.73 -2.69 -6.20
N THR A 29 21.75 -2.86 -7.08
CA THR A 29 21.17 -4.17 -7.30
C THR A 29 21.68 -4.83 -8.57
N GLY A 30 22.24 -4.04 -9.47
CA GLY A 30 22.70 -4.56 -10.75
C GLY A 30 21.58 -4.64 -11.79
N GLU A 31 20.35 -4.42 -11.36
CA GLU A 31 19.21 -4.53 -12.25
C GLU A 31 19.25 -3.55 -13.43
N VAL A 32 19.03 -4.09 -14.62
CA VAL A 32 18.95 -3.30 -15.84
C VAL A 32 17.49 -2.86 -16.07
N VAL A 33 17.29 -1.57 -16.30
CA VAL A 33 15.95 -1.03 -16.53
C VAL A 33 15.87 -0.18 -17.81
N ALA A 34 14.65 0.11 -18.25
CA ALA A 34 14.43 1.12 -19.27
C ALA A 34 13.75 2.31 -18.60
N LEU A 35 14.44 3.45 -18.58
CA LEU A 35 13.91 4.67 -18.01
C LEU A 35 13.23 5.52 -19.08
N LYS A 36 11.96 5.81 -18.87
CA LYS A 36 11.21 6.68 -19.76
C LYS A 36 11.12 8.06 -19.10
N LYS A 37 11.72 9.06 -19.72
CA LYS A 37 11.68 10.41 -19.18
C LYS A 37 10.53 11.19 -19.80
N ILE A 38 9.75 11.85 -18.96
CA ILE A 38 8.67 12.71 -19.42
C ILE A 38 8.89 14.10 -18.84
N ARG A 39 9.18 15.07 -19.70
CA ARG A 39 9.37 16.45 -19.25
C ARG A 39 8.04 17.14 -19.05
N LEU A 40 7.99 18.02 -18.05
CA LEU A 40 6.76 18.70 -17.69
C LEU A 40 6.85 20.21 -17.92
N THR A 44 3.48 22.57 -20.05
CA THR A 44 2.79 23.66 -19.36
C THR A 44 1.28 23.41 -19.23
N GLU A 45 0.87 22.17 -19.50
CA GLU A 45 -0.51 21.75 -19.27
C GLU A 45 -0.56 20.67 -18.21
N GLY A 46 0.46 20.61 -17.36
CA GLY A 46 0.54 19.61 -16.32
C GLY A 46 0.97 18.23 -16.83
N VAL A 47 0.68 17.20 -16.04
CA VAL A 47 1.03 15.84 -16.44
C VAL A 47 0.16 15.42 -17.62
N PRO A 48 0.79 14.96 -18.72
CA PRO A 48 0.02 14.61 -19.91
C PRO A 48 -0.94 13.45 -19.65
N SER A 49 -2.12 13.52 -20.25
CA SER A 49 -3.13 12.48 -20.12
C SER A 49 -2.57 11.08 -20.46
N THR A 50 -1.77 10.98 -21.52
CA THR A 50 -1.24 9.66 -21.89
C THR A 50 -0.37 9.09 -20.78
N ALA A 51 0.36 9.95 -20.08
CA ALA A 51 1.24 9.50 -19.01
C ALA A 51 0.40 9.08 -17.81
N ILE A 52 -0.70 9.79 -17.60
CA ILE A 52 -1.61 9.45 -16.50
C ILE A 52 -2.33 8.11 -16.74
N ARG A 53 -2.72 7.85 -17.98
CA ARG A 53 -3.36 6.57 -18.31
C ARG A 53 -2.34 5.44 -18.18
N GLU A 54 -1.20 5.62 -18.82
CA GLU A 54 -0.17 4.60 -18.86
C GLU A 54 0.24 4.12 -17.48
N ILE A 55 0.49 5.05 -16.57
CA ILE A 55 0.91 4.71 -15.23
C ILE A 55 -0.17 3.99 -14.44
N SER A 56 -1.36 4.58 -14.37
CA SER A 56 -2.42 3.97 -13.55
C SER A 56 -2.87 2.60 -14.05
N LEU A 57 -3.00 2.44 -15.37
CA LEU A 57 -3.42 1.15 -15.92
C LEU A 57 -2.34 0.11 -15.73
N LEU A 58 -1.08 0.54 -15.91
CA LEU A 58 0.07 -0.36 -15.87
C LEU A 58 0.32 -0.87 -14.46
N LYS A 59 -0.04 -0.07 -13.45
CA LYS A 59 0.10 -0.47 -12.05
C LYS A 59 -0.92 -1.54 -11.69
N GLU A 60 -1.98 -1.65 -12.49
CA GLU A 60 -3.00 -2.67 -12.27
C GLU A 60 -2.67 -3.98 -12.99
N LEU A 61 -1.83 -3.90 -14.01
CA LEU A 61 -1.53 -5.07 -14.85
C LEU A 61 -0.19 -5.75 -14.54
N ASN A 62 -0.21 -6.63 -13.56
CA ASN A 62 0.92 -7.48 -13.26
C ASN A 62 0.73 -8.83 -13.92
N HIS A 63 1.53 -9.08 -14.96
CA HIS A 63 1.39 -10.30 -15.75
C HIS A 63 2.71 -10.62 -16.46
N PRO A 64 3.03 -11.91 -16.63
CA PRO A 64 4.29 -12.35 -17.25
C PRO A 64 4.47 -11.79 -18.66
N ASN A 65 3.36 -11.52 -19.36
CA ASN A 65 3.43 -11.04 -20.72
C ASN A 65 2.96 -9.60 -20.85
N ILE A 66 2.95 -8.89 -19.73
CA ILE A 66 2.82 -7.45 -19.79
C ILE A 66 4.07 -6.84 -19.18
N VAL A 67 4.67 -5.90 -19.91
CA VAL A 67 5.87 -5.24 -19.45
C VAL A 67 5.65 -4.62 -18.07
N LYS A 68 6.61 -4.78 -17.20
CA LYS A 68 6.41 -4.42 -15.81
C LYS A 68 6.90 -3.01 -15.50
N LEU A 69 5.97 -2.17 -15.07
CA LEU A 69 6.34 -0.86 -14.52
C LEU A 69 6.86 -1.04 -13.10
N LEU A 70 8.15 -0.73 -12.92
CA LEU A 70 8.85 -0.99 -11.65
C LEU A 70 8.73 0.18 -10.68
N ASP A 71 8.56 1.39 -11.20
CA ASP A 71 8.55 2.54 -10.32
C ASP A 71 8.27 3.81 -11.08
N VAL A 72 7.87 4.84 -10.34
CA VAL A 72 7.59 6.13 -10.92
C VAL A 72 8.27 7.17 -10.05
N ILE A 73 9.24 7.87 -10.64
CA ILE A 73 9.99 8.88 -9.91
C ILE A 73 9.49 10.26 -10.31
N HIS A 74 8.77 10.85 -9.37
CA HIS A 74 7.93 12.01 -9.62
C HIS A 74 8.59 13.19 -8.95
N THR A 75 9.22 14.05 -9.74
CA THR A 75 9.90 15.19 -9.16
C THR A 75 9.40 16.52 -9.73
N GLU A 76 10.22 17.56 -9.57
CA GLU A 76 9.87 18.94 -9.89
C GLU A 76 9.44 19.14 -11.35
N ASN A 77 10.37 18.88 -12.27
CA ASN A 77 10.12 19.09 -13.69
C ASN A 77 10.17 17.77 -14.43
N LYS A 78 10.48 16.71 -13.70
CA LYS A 78 10.70 15.40 -14.31
C LYS A 78 9.78 14.30 -13.76
N LEU A 79 9.26 13.50 -14.68
CA LEU A 79 8.57 12.28 -14.32
C LEU A 79 9.37 11.14 -14.96
N TYR A 80 9.91 10.25 -14.14
CA TYR A 80 10.67 9.13 -14.68
C TYR A 80 9.92 7.82 -14.44
N LEU A 81 9.53 7.15 -15.52
CA LEU A 81 8.93 5.83 -15.42
C LEU A 81 10.02 4.76 -15.56
N VAL A 82 10.08 3.85 -14.60
CA VAL A 82 11.11 2.81 -14.60
C VAL A 82 10.52 1.48 -15.03
N PHE A 83 10.91 1.00 -16.22
CA PHE A 83 10.40 -0.28 -16.72
C PHE A 83 11.44 -1.39 -16.60
N GLU A 84 10.98 -2.64 -16.56
CA GLU A 84 11.92 -3.75 -16.67
C GLU A 84 12.55 -3.66 -18.06
N PHE A 85 13.83 -4.00 -18.16
CA PHE A 85 14.52 -3.93 -19.45
C PHE A 85 14.35 -5.18 -20.30
N LEU A 86 13.86 -5.00 -21.52
CA LEU A 86 13.84 -6.10 -22.50
C LEU A 86 14.74 -5.84 -23.70
N HIS A 87 15.24 -6.91 -24.30
CA HIS A 87 16.36 -6.82 -25.23
C HIS A 87 16.12 -6.16 -26.59
N GLN A 88 14.96 -6.38 -27.20
CA GLN A 88 14.60 -5.64 -28.41
C GLN A 88 13.10 -5.78 -28.66
N ASP A 89 12.61 -5.20 -29.76
CA ASP A 89 11.20 -5.38 -30.10
C ASP A 89 11.02 -6.43 -31.19
N LEU A 90 9.77 -6.87 -31.37
CA LEU A 90 9.46 -7.89 -32.36
C LEU A 90 9.81 -7.42 -33.77
N LYS A 91 9.62 -6.12 -34.04
CA LYS A 91 9.93 -5.57 -35.35
C LYS A 91 11.40 -5.78 -35.71
N LYS A 92 12.29 -5.45 -34.78
CA LYS A 92 13.71 -5.67 -34.98
C LYS A 92 14.01 -7.14 -35.23
N PHE A 93 13.32 -8.01 -34.50
CA PHE A 93 13.63 -9.42 -34.58
C PHE A 93 13.23 -9.98 -35.95
N MET A 94 12.03 -9.65 -36.41
CA MET A 94 11.57 -10.08 -37.72
C MET A 94 12.55 -9.66 -38.82
N ASP A 95 13.08 -8.45 -38.71
CA ASP A 95 14.03 -7.94 -39.70
C ASP A 95 15.30 -8.79 -39.68
N ALA A 96 15.86 -9.01 -38.50
CA ALA A 96 17.06 -9.82 -38.33
C ALA A 96 16.84 -11.27 -38.79
N SER A 97 15.62 -11.77 -38.63
CA SER A 97 15.26 -13.12 -39.04
C SER A 97 14.92 -13.15 -40.53
N ALA A 98 15.58 -12.28 -41.29
CA ALA A 98 15.29 -12.08 -42.70
C ALA A 98 15.31 -13.37 -43.54
N LEU A 99 16.48 -14.00 -43.60
CA LEU A 99 16.68 -15.13 -44.49
C LEU A 99 16.42 -16.48 -43.82
N THR A 100 16.56 -16.51 -42.50
CA THR A 100 16.30 -17.73 -41.73
C THR A 100 14.80 -17.98 -41.62
N GLY A 101 14.03 -16.90 -41.52
CA GLY A 101 12.61 -16.98 -41.23
C GLY A 101 12.41 -17.32 -39.75
N ILE A 102 11.21 -17.07 -39.23
CA ILE A 102 10.91 -17.43 -37.84
C ILE A 102 10.31 -18.83 -37.74
N PRO A 103 10.99 -19.73 -37.02
CA PRO A 103 10.49 -21.09 -36.81
C PRO A 103 9.06 -21.08 -36.28
N LEU A 104 8.20 -21.91 -36.85
CA LEU A 104 6.78 -21.97 -36.50
C LEU A 104 6.52 -22.16 -34.99
N PRO A 105 7.32 -23.02 -34.34
CA PRO A 105 7.13 -23.19 -32.90
C PRO A 105 7.38 -21.90 -32.10
N LEU A 106 8.17 -20.99 -32.63
CA LEU A 106 8.45 -19.73 -31.95
C LEU A 106 7.34 -18.70 -32.20
N ILE A 107 6.76 -18.75 -33.39
CA ILE A 107 5.57 -17.97 -33.72
C ILE A 107 4.41 -18.38 -32.81
N LYS A 108 4.16 -19.68 -32.76
CA LYS A 108 3.10 -20.25 -31.94
C LYS A 108 3.23 -19.80 -30.47
N SER A 109 4.44 -19.96 -29.93
CA SER A 109 4.80 -19.50 -28.60
C SER A 109 4.49 -18.01 -28.38
N TYR A 110 5.02 -17.15 -29.25
CA TYR A 110 4.80 -15.72 -29.12
C TYR A 110 3.32 -15.38 -29.18
N LEU A 111 2.62 -16.00 -30.11
CA LEU A 111 1.21 -15.71 -30.23
C LEU A 111 0.46 -16.15 -28.96
N PHE A 112 0.77 -17.35 -28.48
CA PHE A 112 0.14 -17.88 -27.27
C PHE A 112 0.33 -16.92 -26.11
N GLN A 113 1.57 -16.43 -25.95
CA GLN A 113 1.91 -15.48 -24.89
C GLN A 113 1.20 -14.14 -25.05
N LEU A 114 1.01 -13.73 -26.29
CA LEU A 114 0.41 -12.44 -26.56
C LEU A 114 -1.08 -12.48 -26.26
N LEU A 115 -1.70 -13.58 -26.65
CA LEU A 115 -3.11 -13.79 -26.31
C LEU A 115 -3.29 -13.79 -24.79
N GLN A 116 -2.30 -14.31 -24.08
CA GLN A 116 -2.35 -14.35 -22.61
C GLN A 116 -2.30 -12.95 -22.01
N GLY A 117 -1.37 -12.13 -22.46
CA GLY A 117 -1.24 -10.79 -21.93
C GLY A 117 -2.49 -9.99 -22.29
N LEU A 118 -3.02 -10.25 -23.46
CA LEU A 118 -4.15 -9.50 -23.99
C LEU A 118 -5.42 -9.88 -23.23
N ALA A 119 -5.69 -11.18 -23.09
CA ALA A 119 -6.82 -11.62 -22.29
C ALA A 119 -6.79 -10.97 -20.89
N PHE A 120 -5.60 -10.94 -20.30
CA PHE A 120 -5.42 -10.27 -19.02
C PHE A 120 -5.87 -8.80 -19.07
N CYS A 121 -5.39 -8.03 -20.06
CA CYS A 121 -5.79 -6.63 -20.20
C CYS A 121 -7.30 -6.46 -20.28
N HIS A 122 -7.90 -7.22 -21.19
CA HIS A 122 -9.34 -7.20 -21.36
C HIS A 122 -10.11 -7.66 -20.11
N SER A 123 -9.57 -8.63 -19.38
CA SER A 123 -10.19 -9.07 -18.13
C SER A 123 -10.21 -7.95 -17.11
N HIS A 124 -9.27 -7.01 -17.23
CA HIS A 124 -9.20 -5.87 -16.33
C HIS A 124 -9.63 -4.58 -17.02
N ARG A 125 -10.64 -4.71 -17.89
CA ARG A 125 -11.22 -3.58 -18.62
C ARG A 125 -10.21 -2.56 -19.16
N VAL A 126 -9.16 -3.06 -19.79
CA VAL A 126 -8.19 -2.20 -20.47
C VAL A 126 -8.08 -2.55 -21.94
N LEU A 127 -8.17 -1.54 -22.80
CA LEU A 127 -7.85 -1.75 -24.20
C LEU A 127 -6.45 -1.20 -24.44
N HIS A 128 -5.63 -1.92 -25.20
CA HIS A 128 -4.30 -1.42 -25.53
C HIS A 128 -4.33 -0.34 -26.62
N ARG A 129 -4.98 -0.68 -27.73
CA ARG A 129 -5.26 0.26 -28.82
C ARG A 129 -4.06 0.69 -29.66
N ASP A 130 -2.95 -0.04 -29.56
CA ASP A 130 -1.78 0.28 -30.36
C ASP A 130 -0.85 -0.92 -30.49
N LEU A 131 -1.42 -2.10 -30.66
CA LEU A 131 -0.60 -3.30 -30.84
C LEU A 131 0.04 -3.34 -32.23
N LYS A 132 1.36 -3.51 -32.26
CA LYS A 132 2.12 -3.62 -33.50
C LYS A 132 3.49 -4.11 -33.08
N PRO A 133 4.29 -4.62 -34.03
CA PRO A 133 5.54 -5.28 -33.61
C PRO A 133 6.46 -4.36 -32.85
N GLN A 134 6.44 -3.06 -33.17
CA GLN A 134 7.25 -2.06 -32.49
C GLN A 134 6.98 -1.98 -30.98
N ASN A 135 5.77 -2.38 -30.56
CA ASN A 135 5.37 -2.34 -29.17
C ASN A 135 5.34 -3.69 -28.45
N LEU A 136 5.83 -4.73 -29.12
CA LEU A 136 5.93 -6.03 -28.48
C LEU A 136 7.41 -6.27 -28.27
N LEU A 137 7.81 -6.40 -27.00
CA LEU A 137 9.23 -6.58 -26.67
C LEU A 137 9.53 -8.04 -26.32
N ILE A 138 10.73 -8.48 -26.63
CA ILE A 138 11.11 -9.86 -26.41
C ILE A 138 12.38 -9.92 -25.58
N ASN A 139 12.54 -10.98 -24.80
CA ASN A 139 13.80 -11.19 -24.13
C ASN A 139 14.55 -12.44 -24.64
N THR A 140 15.66 -12.74 -23.99
CA THR A 140 16.57 -13.78 -24.45
C THR A 140 16.17 -15.13 -23.88
N GLU A 141 15.07 -15.16 -23.16
CA GLU A 141 14.60 -16.41 -22.55
C GLU A 141 13.30 -16.93 -23.14
N GLY A 142 12.88 -16.37 -24.27
CA GLY A 142 11.68 -16.83 -24.94
C GLY A 142 10.41 -16.04 -24.65
N ALA A 143 10.45 -15.09 -23.73
CA ALA A 143 9.25 -14.28 -23.46
C ALA A 143 9.02 -13.17 -24.49
N ILE A 144 7.74 -12.83 -24.70
CA ILE A 144 7.35 -11.63 -25.42
C ILE A 144 6.30 -10.90 -24.57
N LYS A 145 6.31 -9.57 -24.57
CA LYS A 145 5.40 -8.80 -23.71
C LYS A 145 4.80 -7.56 -24.38
N LEU A 146 3.53 -7.28 -24.09
CA LEU A 146 2.93 -6.03 -24.55
C LEU A 146 3.61 -4.87 -23.88
N ALA A 147 3.84 -3.81 -24.65
CA ALA A 147 4.45 -2.60 -24.13
C ALA A 147 3.76 -1.38 -24.70
N ASP A 148 4.16 -0.22 -24.20
CA ASP A 148 3.60 1.07 -24.62
C ASP A 148 2.08 1.18 -24.41
N PHE A 149 1.70 1.44 -23.17
CA PHE A 149 0.30 1.62 -22.81
C PHE A 149 -0.11 3.10 -22.84
N GLY A 150 0.60 3.91 -23.63
CA GLY A 150 0.30 5.31 -23.78
C GLY A 150 -1.01 5.59 -24.50
N LEU A 151 -1.40 4.68 -25.40
CA LEU A 151 -2.67 4.80 -26.13
C LEU A 151 -3.82 4.03 -25.48
N ALA A 152 -3.52 3.29 -24.41
CA ALA A 152 -4.50 2.46 -23.74
C ALA A 152 -5.61 3.23 -23.04
N ARG A 153 -6.68 2.50 -22.71
CA ARG A 153 -7.88 3.10 -22.17
C ARG A 153 -8.60 2.13 -21.24
N ALA A 154 -8.99 2.63 -20.07
CA ALA A 154 -9.91 1.90 -19.21
C ALA A 154 -11.31 1.97 -19.83
N PHE A 155 -11.94 0.82 -20.09
CA PHE A 155 -13.27 0.81 -20.68
C PHE A 155 -14.36 0.36 -19.72
N GLY A 156 -15.61 0.47 -20.17
CA GLY A 156 -16.73 0.15 -19.32
C GLY A 156 -17.56 -0.91 -19.99
N VAL A 157 -18.57 -1.40 -19.26
CA VAL A 157 -19.41 -2.47 -19.75
C VAL A 157 -20.84 -1.99 -19.65
N PRO A 158 -21.52 -1.81 -20.79
CA PRO A 158 -21.01 -1.82 -22.16
C PRO A 158 -20.21 -0.55 -22.47
N VAL A 159 -19.41 -0.58 -23.53
CA VAL A 159 -18.52 0.54 -23.87
C VAL A 159 -19.30 1.81 -24.24
N ARG A 160 -18.72 2.97 -23.90
CA ARG A 160 -19.09 4.26 -24.47
C ARG A 160 -18.33 4.46 -25.76
N THR A 161 -18.61 5.58 -26.43
CA THR A 161 -17.77 6.08 -27.52
C THR A 161 -16.44 6.63 -26.97
N TYR A 162 -15.33 6.17 -27.54
CA TYR A 162 -13.99 6.63 -27.15
C TYR A 162 -13.31 7.28 -28.35
N TPO A 163 -12.08 7.75 -28.14
CA TPO A 163 -11.31 8.41 -29.23
CB TPO A 163 -9.87 8.54 -28.78
CG2 TPO A 163 -9.11 9.39 -29.80
OG1 TPO A 163 -9.80 9.22 -27.53
P TPO A 163 -9.34 8.50 -26.16
O1P TPO A 163 -9.63 9.55 -25.10
O2P TPO A 163 -10.20 7.27 -26.09
O3P TPO A 163 -7.86 8.22 -26.36
C TPO A 163 -11.35 7.67 -30.55
O TPO A 163 -11.06 6.48 -30.58
N HIS A 164 -11.71 8.36 -31.63
CA HIS A 164 -11.80 7.71 -32.94
C HIS A 164 -10.43 7.44 -33.55
N GLU A 165 -9.52 8.38 -33.34
CA GLU A 165 -8.21 8.32 -33.96
C GLU A 165 -7.33 7.32 -33.21
N VAL A 166 -7.55 6.02 -33.40
CA VAL A 166 -6.76 5.02 -32.65
C VAL A 166 -6.20 3.86 -33.46
N VAL A 167 -5.07 3.36 -32.98
CA VAL A 167 -4.37 2.23 -33.59
C VAL A 167 -3.59 2.69 -34.81
N THR A 168 -2.32 2.32 -34.87
CA THR A 168 -1.52 2.56 -36.06
C THR A 168 -2.21 1.94 -37.27
N LEU A 169 -2.23 2.71 -38.35
CA LEU A 169 -3.00 2.39 -39.54
C LEU A 169 -2.96 0.93 -40.02
N TRP A 170 -1.76 0.37 -40.18
CA TRP A 170 -1.61 -0.98 -40.72
C TRP A 170 -2.34 -2.03 -39.89
N TYR A 171 -2.55 -1.72 -38.61
CA TYR A 171 -3.10 -2.69 -37.68
C TYR A 171 -4.48 -2.30 -37.18
N ARG A 172 -5.11 -1.36 -37.89
CA ARG A 172 -6.39 -0.80 -37.46
C ARG A 172 -7.57 -1.61 -37.99
N ALA A 173 -8.55 -1.86 -37.12
CA ALA A 173 -9.68 -2.72 -37.44
C ALA A 173 -10.72 -2.02 -38.33
N PRO A 174 -11.37 -2.78 -39.21
CA PRO A 174 -12.34 -2.19 -40.13
C PRO A 174 -13.47 -1.42 -39.43
N GLU A 175 -13.80 -1.75 -38.19
CA GLU A 175 -14.87 -1.02 -37.51
C GLU A 175 -14.41 0.39 -37.12
N ILE A 176 -13.10 0.56 -36.92
CA ILE A 176 -12.60 1.90 -36.69
C ILE A 176 -12.53 2.66 -38.01
N LEU A 177 -12.06 1.98 -39.07
CA LEU A 177 -11.98 2.61 -40.38
C LEU A 177 -13.36 3.07 -40.87
N LEU A 178 -14.40 2.33 -40.53
CA LEU A 178 -15.73 2.65 -41.01
C LEU A 178 -16.49 3.59 -40.08
N GLY A 179 -15.82 4.07 -39.04
CA GLY A 179 -16.41 5.06 -38.15
C GLY A 179 -17.39 4.51 -37.14
N CYS A 180 -17.22 3.26 -36.73
CA CYS A 180 -18.07 2.72 -35.66
C CYS A 180 -18.01 3.60 -34.42
N LYS A 181 -19.18 4.00 -33.94
CA LYS A 181 -19.28 4.78 -32.72
C LYS A 181 -18.86 3.98 -31.48
N TYR A 182 -18.83 2.64 -31.59
CA TYR A 182 -18.59 1.79 -30.41
C TYR A 182 -17.66 0.61 -30.61
N TYR A 183 -16.36 0.85 -30.71
CA TYR A 183 -15.43 -0.28 -30.78
C TYR A 183 -15.13 -0.90 -29.41
N SER A 184 -14.57 -2.10 -29.43
CA SER A 184 -14.28 -2.78 -28.19
C SER A 184 -13.00 -3.63 -28.27
N THR A 185 -12.94 -4.63 -27.41
CA THR A 185 -11.78 -5.47 -27.28
C THR A 185 -11.39 -6.08 -28.62
N ALA A 186 -12.37 -6.32 -29.47
CA ALA A 186 -12.11 -6.88 -30.80
C ALA A 186 -11.03 -6.14 -31.59
N VAL A 187 -10.84 -4.84 -31.34
CA VAL A 187 -9.83 -4.11 -32.12
C VAL A 187 -8.42 -4.58 -31.79
N ASP A 188 -8.20 -5.02 -30.55
CA ASP A 188 -6.89 -5.53 -30.15
C ASP A 188 -6.66 -6.91 -30.80
N ILE A 189 -7.70 -7.71 -30.92
CA ILE A 189 -7.59 -9.00 -31.60
C ILE A 189 -7.26 -8.82 -33.09
N TRP A 190 -7.93 -7.87 -33.73
CA TRP A 190 -7.65 -7.55 -35.14
C TRP A 190 -6.16 -7.32 -35.31
N SER A 191 -5.62 -6.48 -34.42
CA SER A 191 -4.21 -6.12 -34.46
C SER A 191 -3.29 -7.32 -34.33
N LEU A 192 -3.65 -8.26 -33.47
CA LEU A 192 -2.85 -9.45 -33.23
C LEU A 192 -2.95 -10.40 -34.40
N GLY A 193 -4.13 -10.47 -35.00
CA GLY A 193 -4.32 -11.18 -36.26
C GLY A 193 -3.31 -10.70 -37.30
N CYS A 194 -3.18 -9.37 -37.44
CA CYS A 194 -2.23 -8.80 -38.41
C CYS A 194 -0.80 -9.14 -38.04
N ILE A 195 -0.51 -9.13 -36.74
CA ILE A 195 0.82 -9.45 -36.28
C ILE A 195 1.12 -10.94 -36.50
N PHE A 196 0.13 -11.79 -36.26
CA PHE A 196 0.24 -13.22 -36.50
C PHE A 196 0.66 -13.49 -37.96
N ALA A 197 -0.07 -12.88 -38.91
CA ALA A 197 0.23 -13.05 -40.33
C ALA A 197 1.61 -12.50 -40.68
N GLU A 198 1.97 -11.38 -40.05
CA GLU A 198 3.26 -10.75 -40.27
C GLU A 198 4.43 -11.60 -39.79
N MET A 199 4.24 -12.32 -38.69
CA MET A 199 5.32 -13.18 -38.21
C MET A 199 5.57 -14.32 -39.19
N VAL A 200 4.53 -14.72 -39.91
CA VAL A 200 4.64 -15.84 -40.85
C VAL A 200 5.31 -15.39 -42.15
N THR A 201 4.96 -14.21 -42.63
CA THR A 201 5.48 -13.70 -43.90
C THR A 201 6.63 -12.72 -43.70
N ARG A 202 6.69 -12.11 -42.52
CA ARG A 202 7.69 -11.08 -42.21
C ARG A 202 7.50 -9.80 -43.03
N ARG A 203 6.31 -9.62 -43.57
CA ARG A 203 5.92 -8.36 -44.18
C ARG A 203 4.54 -8.05 -43.62
N ALA A 204 4.20 -6.77 -43.46
CA ALA A 204 2.90 -6.41 -42.92
C ALA A 204 1.82 -6.97 -43.83
N LEU A 205 0.63 -7.16 -43.28
CA LEU A 205 -0.45 -7.78 -44.06
C LEU A 205 -1.29 -6.75 -44.81
N PHE A 206 -1.56 -5.61 -44.18
CA PHE A 206 -2.31 -4.54 -44.84
C PHE A 206 -1.57 -3.21 -44.75
N PRO A 207 -0.50 -3.04 -45.56
CA PRO A 207 0.34 -1.83 -45.51
C PRO A 207 -0.25 -0.67 -46.27
N GLY A 208 -1.42 -0.18 -45.89
CA GLY A 208 -2.03 0.95 -46.57
C GLY A 208 -1.35 2.30 -46.32
N ASP A 209 -1.49 3.23 -47.24
CA ASP A 209 -0.94 4.57 -47.02
C ASP A 209 -2.01 5.60 -46.65
N SER A 210 -3.27 5.18 -46.64
CA SER A 210 -4.37 6.04 -46.21
C SER A 210 -5.56 5.20 -45.76
N GLU A 211 -6.54 5.84 -45.12
CA GLU A 211 -7.71 5.11 -44.65
C GLU A 211 -8.41 4.31 -45.73
N ILE A 212 -8.70 4.92 -46.87
CA ILE A 212 -9.44 4.20 -47.89
C ILE A 212 -8.55 3.12 -48.52
N ASP A 213 -7.26 3.40 -48.66
CA ASP A 213 -6.32 2.41 -49.15
C ASP A 213 -6.30 1.22 -48.19
N GLN A 214 -6.28 1.52 -46.89
CA GLN A 214 -6.31 0.50 -45.85
C GLN A 214 -7.57 -0.36 -45.97
N LEU A 215 -8.73 0.27 -46.13
CA LEU A 215 -9.97 -0.49 -46.28
C LEU A 215 -9.93 -1.39 -47.51
N PHE A 216 -9.56 -0.81 -48.65
CA PHE A 216 -9.56 -1.53 -49.91
C PHE A 216 -8.60 -2.71 -49.87
N ARG A 217 -7.45 -2.55 -49.23
CA ARG A 217 -6.49 -3.63 -49.10
C ARG A 217 -7.09 -4.76 -48.29
N ILE A 218 -7.80 -4.40 -47.23
CA ILE A 218 -8.45 -5.40 -46.40
C ILE A 218 -9.50 -6.14 -47.23
N PHE A 219 -10.30 -5.37 -47.97
CA PHE A 219 -11.40 -5.91 -48.76
C PHE A 219 -10.93 -6.84 -49.86
N ARG A 220 -9.73 -6.61 -50.38
CA ARG A 220 -9.29 -7.39 -51.53
C ARG A 220 -8.84 -8.74 -51.04
N THR A 221 -8.51 -8.78 -49.75
CA THR A 221 -8.04 -9.97 -49.08
C THR A 221 -9.22 -10.76 -48.52
N LEU A 222 -10.09 -10.09 -47.78
CA LEU A 222 -11.11 -10.79 -47.01
C LEU A 222 -12.49 -10.72 -47.67
N GLY A 223 -12.56 -10.11 -48.85
CA GLY A 223 -13.82 -9.88 -49.53
C GLY A 223 -14.42 -8.58 -49.01
N THR A 224 -15.15 -7.87 -49.86
CA THR A 224 -15.89 -6.69 -49.42
C THR A 224 -17.09 -7.15 -48.61
N PRO A 225 -17.25 -6.61 -47.39
CA PRO A 225 -18.30 -7.08 -46.47
C PRO A 225 -19.68 -6.56 -46.85
N ASP A 226 -20.66 -7.44 -46.74
CA ASP A 226 -22.06 -7.05 -46.90
C ASP A 226 -22.86 -7.44 -45.66
N GLU A 227 -24.14 -7.12 -45.67
CA GLU A 227 -25.04 -7.38 -44.57
C GLU A 227 -25.09 -8.84 -44.14
N VAL A 228 -24.77 -9.75 -45.05
CA VAL A 228 -24.70 -11.17 -44.69
C VAL A 228 -23.52 -11.46 -43.76
N VAL A 229 -22.32 -11.32 -44.29
CA VAL A 229 -21.08 -11.52 -43.54
C VAL A 229 -20.98 -10.62 -42.28
N TRP A 230 -21.56 -9.41 -42.36
CA TRP A 230 -21.41 -8.43 -41.30
C TRP A 230 -22.63 -7.53 -41.15
N PRO A 231 -23.64 -7.98 -40.39
CA PRO A 231 -24.90 -7.25 -40.24
C PRO A 231 -24.67 -5.85 -39.67
N GLY A 232 -25.24 -4.84 -40.32
CA GLY A 232 -25.05 -3.46 -39.88
C GLY A 232 -23.98 -2.69 -40.63
N VAL A 233 -23.19 -3.39 -41.44
CA VAL A 233 -22.04 -2.77 -42.10
C VAL A 233 -22.43 -1.61 -43.02
N THR A 234 -23.50 -1.78 -43.79
CA THR A 234 -23.83 -0.80 -44.80
C THR A 234 -24.45 0.44 -44.17
N SER A 235 -24.85 0.36 -42.91
CA SER A 235 -25.34 1.56 -42.24
C SER A 235 -24.27 2.21 -41.33
N MET A 236 -23.01 1.84 -41.51
CA MET A 236 -21.92 2.49 -40.77
C MET A 236 -21.52 3.85 -41.37
N PRO A 237 -21.14 4.80 -40.50
CA PRO A 237 -20.98 6.19 -40.91
C PRO A 237 -20.12 6.36 -42.15
N ASP A 238 -18.98 5.70 -42.20
CA ASP A 238 -18.06 5.95 -43.30
C ASP A 238 -18.11 4.84 -44.33
N TYR A 239 -19.15 4.02 -44.27
CA TYR A 239 -19.38 3.01 -45.30
C TYR A 239 -19.92 3.71 -46.54
N LYS A 240 -19.54 3.22 -47.71
CA LYS A 240 -20.02 3.78 -48.97
C LYS A 240 -20.51 2.69 -49.93
N PRO A 241 -21.70 2.90 -50.50
CA PRO A 241 -22.32 2.00 -51.49
C PRO A 241 -21.47 1.84 -52.77
N SER A 242 -20.57 2.78 -53.02
CA SER A 242 -19.75 2.74 -54.23
C SER A 242 -18.51 1.85 -54.09
N PHE A 243 -18.23 1.41 -52.87
CA PHE A 243 -17.12 0.49 -52.60
C PHE A 243 -17.09 -0.63 -53.62
N PRO A 244 -15.94 -0.81 -54.28
CA PRO A 244 -15.71 -1.99 -55.12
C PRO A 244 -16.11 -3.24 -54.36
N LYS A 245 -16.70 -4.22 -55.02
CA LYS A 245 -17.09 -5.43 -54.32
C LYS A 245 -16.21 -6.63 -54.73
N TRP A 246 -15.17 -6.88 -53.95
CA TRP A 246 -14.19 -7.93 -54.20
C TRP A 246 -14.57 -9.27 -53.57
N ALA A 247 -14.25 -10.35 -54.26
CA ALA A 247 -14.47 -11.67 -53.70
C ALA A 247 -13.49 -11.95 -52.57
N ARG A 248 -13.92 -12.72 -51.59
CA ARG A 248 -13.02 -13.18 -50.57
C ARG A 248 -12.09 -14.20 -51.21
N GLN A 249 -10.81 -14.11 -50.96
CA GLN A 249 -9.93 -15.15 -51.46
C GLN A 249 -9.74 -16.28 -50.44
N ASP A 250 -9.54 -17.47 -50.99
CA ASP A 250 -9.14 -18.66 -50.23
C ASP A 250 -8.06 -18.29 -49.22
N PHE A 251 -8.34 -18.53 -47.95
CA PHE A 251 -7.48 -18.08 -46.87
C PHE A 251 -6.08 -18.67 -46.91
N SER A 252 -5.94 -19.85 -47.49
CA SER A 252 -4.65 -20.49 -47.63
C SER A 252 -3.73 -19.72 -48.56
N LYS A 253 -4.28 -18.82 -49.38
CA LYS A 253 -3.47 -17.97 -50.22
C LYS A 253 -3.04 -16.71 -49.46
N VAL A 254 -3.81 -16.32 -48.45
CA VAL A 254 -3.47 -15.18 -47.62
C VAL A 254 -2.13 -15.34 -46.88
N VAL A 255 -1.89 -16.51 -46.31
CA VAL A 255 -0.61 -16.83 -45.68
C VAL A 255 -0.27 -18.28 -45.98
N PRO A 256 0.30 -18.52 -47.17
CA PRO A 256 0.55 -19.83 -47.77
C PRO A 256 1.28 -20.84 -46.87
N PRO A 257 2.26 -20.37 -46.06
CA PRO A 257 2.99 -21.34 -45.22
C PRO A 257 2.17 -21.88 -44.06
N LEU A 258 1.02 -21.27 -43.75
CA LEU A 258 0.27 -21.63 -42.55
C LEU A 258 -0.53 -22.93 -42.75
N ASP A 259 -0.49 -23.79 -41.74
CA ASP A 259 -1.23 -25.04 -41.71
C ASP A 259 -2.73 -24.79 -41.49
N GLU A 260 -3.52 -25.86 -41.53
CA GLU A 260 -4.97 -25.74 -41.33
C GLU A 260 -5.41 -25.12 -39.98
N ASP A 261 -4.77 -25.50 -38.89
CA ASP A 261 -5.10 -24.94 -37.58
C ASP A 261 -4.81 -23.44 -37.55
N GLY A 262 -3.63 -23.07 -38.00
CA GLY A 262 -3.22 -21.67 -38.09
C GLY A 262 -4.20 -20.86 -38.89
N ARG A 263 -4.62 -21.39 -40.04
CA ARG A 263 -5.55 -20.67 -40.89
C ARG A 263 -6.86 -20.45 -40.16
N SER A 264 -7.35 -21.51 -39.54
CA SER A 264 -8.58 -21.46 -38.79
C SER A 264 -8.53 -20.29 -37.79
N LEU A 265 -7.42 -20.20 -37.07
CA LEU A 265 -7.30 -19.25 -35.98
C LEU A 265 -7.17 -17.84 -36.54
N LEU A 266 -6.38 -17.69 -37.58
CA LEU A 266 -6.19 -16.40 -38.22
C LEU A 266 -7.54 -15.85 -38.72
N SER A 267 -8.29 -16.71 -39.42
CA SER A 267 -9.60 -16.31 -39.92
C SER A 267 -10.54 -15.84 -38.80
N GLN A 268 -10.45 -16.46 -37.64
CA GLN A 268 -11.32 -16.05 -36.54
C GLN A 268 -10.90 -14.72 -35.95
N MET A 269 -9.59 -14.47 -35.93
CA MET A 269 -9.06 -13.18 -35.48
C MET A 269 -9.33 -12.05 -36.48
N LEU A 270 -9.60 -12.39 -37.74
CA LEU A 270 -9.87 -11.37 -38.75
C LEU A 270 -11.33 -11.37 -39.22
N HIS A 271 -12.19 -12.04 -38.48
CA HIS A 271 -13.62 -11.91 -38.74
C HIS A 271 -14.01 -10.42 -38.78
N TYR A 272 -14.83 -10.06 -39.76
CA TYR A 272 -15.27 -8.68 -39.93
C TYR A 272 -16.13 -8.23 -38.77
N ASP A 273 -17.13 -9.05 -38.41
CA ASP A 273 -18.05 -8.73 -37.31
C ASP A 273 -17.33 -8.79 -35.97
N PRO A 274 -17.18 -7.64 -35.30
CA PRO A 274 -16.51 -7.59 -34.00
C PRO A 274 -17.08 -8.64 -33.07
N ASN A 275 -18.40 -8.82 -33.09
CA ASN A 275 -19.07 -9.82 -32.25
C ASN A 275 -18.70 -11.27 -32.54
N LYS A 276 -18.40 -11.60 -33.78
CA LYS A 276 -17.99 -12.97 -34.10
C LYS A 276 -16.48 -13.13 -33.93
N ARG A 277 -15.75 -12.03 -34.01
CA ARG A 277 -14.30 -12.07 -33.91
C ARG A 277 -13.92 -12.66 -32.55
N ILE A 278 -13.02 -13.64 -32.58
CA ILE A 278 -12.68 -14.41 -31.40
C ILE A 278 -12.07 -13.53 -30.31
N SER A 279 -12.31 -13.86 -29.05
CA SER A 279 -11.72 -13.18 -27.92
C SER A 279 -10.36 -13.77 -27.62
N ALA A 280 -9.49 -12.98 -26.99
CA ALA A 280 -8.18 -13.47 -26.58
C ALA A 280 -8.36 -14.71 -25.71
N LYS A 281 -9.30 -14.63 -24.77
CA LYS A 281 -9.58 -15.75 -23.86
C LYS A 281 -9.88 -17.07 -24.62
N ALA A 282 -10.82 -17.03 -25.56
CA ALA A 282 -11.22 -18.20 -26.32
C ALA A 282 -10.11 -18.73 -27.22
N ALA A 283 -9.25 -17.84 -27.69
CA ALA A 283 -8.22 -18.20 -28.65
C ALA A 283 -7.17 -19.11 -28.01
N LEU A 284 -6.93 -18.90 -26.74
CA LEU A 284 -6.03 -19.74 -25.94
C LEU A 284 -6.32 -21.24 -26.08
N ALA A 285 -7.57 -21.57 -26.35
CA ALA A 285 -7.98 -22.96 -26.35
C ALA A 285 -8.04 -23.50 -27.76
N HIS A 286 -7.58 -22.71 -28.72
CA HIS A 286 -7.60 -23.15 -30.10
C HIS A 286 -6.59 -24.26 -30.37
N PRO A 287 -7.01 -25.27 -31.18
CA PRO A 287 -6.20 -26.43 -31.55
C PRO A 287 -4.81 -26.08 -32.11
N PHE A 288 -4.66 -24.88 -32.67
CA PHE A 288 -3.37 -24.43 -33.16
C PHE A 288 -2.31 -24.53 -32.07
N PHE A 289 -2.73 -24.32 -30.83
CA PHE A 289 -1.80 -24.28 -29.70
C PHE A 289 -1.60 -25.62 -28.98
N GLN A 290 -2.19 -26.70 -29.49
CA GLN A 290 -2.11 -27.99 -28.80
C GLN A 290 -0.69 -28.43 -28.44
N ASP A 291 0.27 -28.13 -29.30
CA ASP A 291 1.65 -28.55 -29.05
C ASP A 291 2.55 -27.35 -28.74
N VAL A 292 1.96 -26.27 -28.27
CA VAL A 292 2.72 -25.08 -27.96
C VAL A 292 3.81 -25.37 -26.93
N THR A 293 4.99 -24.80 -27.16
CA THR A 293 6.11 -24.86 -26.23
C THR A 293 6.67 -23.45 -26.06
N LYS A 294 7.79 -23.31 -25.39
CA LYS A 294 8.44 -21.99 -25.25
C LYS A 294 9.92 -21.98 -25.67
N PRO A 295 10.19 -22.03 -26.98
CA PRO A 295 11.56 -21.98 -27.48
C PRO A 295 12.21 -20.63 -27.15
N VAL A 296 13.52 -20.60 -26.99
CA VAL A 296 14.21 -19.32 -26.86
C VAL A 296 14.68 -18.91 -28.25
N PRO A 297 14.57 -17.61 -28.56
CA PRO A 297 14.99 -17.07 -29.86
C PRO A 297 16.50 -16.96 -29.91
N HIS A 298 16.99 -16.47 -31.04
CA HIS A 298 18.42 -16.37 -31.32
C HIS A 298 18.84 -14.91 -31.28
N LEU A 299 19.81 -14.60 -30.42
CA LEU A 299 20.29 -13.23 -30.18
C LEU A 299 20.11 -12.24 -31.32
N PRO B 6 -18.71 -8.81 -23.19
CA PRO B 6 -19.70 -9.85 -22.92
C PRO B 6 -19.00 -11.19 -22.72
N ASP B 7 -17.76 -11.23 -23.18
CA ASP B 7 -16.91 -12.38 -22.97
C ASP B 7 -16.05 -12.10 -21.73
N TYR B 8 -16.12 -10.87 -21.25
CA TYR B 8 -15.32 -10.45 -20.12
C TYR B 8 -16.17 -9.77 -19.04
N HIS B 9 -17.47 -9.74 -19.26
CA HIS B 9 -18.36 -8.98 -18.37
CA HIS B 9 -18.39 -9.01 -18.38
C HIS B 9 -18.24 -9.48 -16.93
N GLU B 10 -18.16 -10.80 -16.74
CA GLU B 10 -18.03 -11.38 -15.41
C GLU B 10 -16.64 -11.12 -14.81
N ASP B 11 -15.60 -11.39 -15.60
CA ASP B 11 -14.22 -11.09 -15.19
C ASP B 11 -14.09 -9.65 -14.72
N ILE B 12 -14.64 -8.74 -15.50
CA ILE B 12 -14.58 -7.33 -15.18
C ILE B 12 -15.40 -6.96 -13.93
N HIS B 13 -16.63 -7.48 -13.86
CA HIS B 13 -17.44 -7.26 -12.66
C HIS B 13 -16.71 -7.73 -11.41
N THR B 14 -16.18 -8.95 -11.47
CA THR B 14 -15.43 -9.51 -10.36
C THR B 14 -14.27 -8.62 -9.99
N TYR B 15 -13.51 -8.20 -10.99
CA TYR B 15 -12.36 -7.34 -10.76
C TYR B 15 -12.77 -6.00 -10.15
N LEU B 16 -13.80 -5.39 -10.68
CA LEU B 16 -14.26 -4.11 -10.15
C LEU B 16 -14.70 -4.26 -8.69
N ARG B 17 -15.32 -5.39 -8.37
CA ARG B 17 -15.81 -5.64 -7.01
C ARG B 17 -14.65 -5.74 -6.03
N GLU B 18 -13.57 -6.36 -6.47
CA GLU B 18 -12.34 -6.40 -5.68
C GLU B 18 -11.71 -5.02 -5.52
N MET B 19 -11.65 -4.26 -6.62
CA MET B 19 -11.01 -2.95 -6.59
C MET B 19 -11.81 -1.89 -5.80
N GLU B 20 -13.13 -1.95 -5.82
CA GLU B 20 -13.89 -0.94 -5.09
C GLU B 20 -13.56 -0.95 -3.59
N VAL B 21 -13.23 -2.12 -3.07
CA VAL B 21 -12.75 -2.23 -1.69
C VAL B 21 -11.40 -1.53 -1.47
N LYS B 22 -10.46 -1.72 -2.39
CA LYS B 22 -9.14 -1.11 -2.30
C LYS B 22 -9.17 0.40 -2.55
N CYS B 23 -10.20 0.87 -3.25
CA CYS B 23 -10.29 2.29 -3.61
C CYS B 23 -11.23 3.05 -2.71
N LYS B 24 -11.77 2.38 -1.70
CA LYS B 24 -12.73 3.00 -0.82
C LYS B 24 -12.11 4.09 0.06
N PRO B 25 -12.76 5.26 0.12
CA PRO B 25 -12.39 6.30 1.07
C PRO B 25 -12.53 5.81 2.50
N LYS B 26 -11.93 6.54 3.43
CA LYS B 26 -12.05 6.27 4.86
C LYS B 26 -13.41 6.80 5.28
N VAL B 27 -14.26 5.89 5.74
CA VAL B 27 -15.65 6.22 6.09
C VAL B 27 -15.79 7.44 7.00
N GLY B 28 -14.93 7.56 8.01
CA GLY B 28 -15.09 8.66 8.95
C GLY B 28 -14.07 9.78 8.90
N TYR B 29 -13.65 10.16 7.69
CA TYR B 29 -12.54 11.10 7.57
C TYR B 29 -12.91 12.54 7.94
N MET B 30 -14.19 12.85 7.92
CA MET B 30 -14.61 14.23 8.12
C MET B 30 -14.44 14.66 9.57
N LYS B 31 -14.55 13.70 10.49
CA LYS B 31 -14.31 13.95 11.90
C LYS B 31 -12.88 14.42 12.12
N LYS B 32 -11.98 13.89 11.30
CA LYS B 32 -10.56 14.20 11.40
C LYS B 32 -10.19 15.47 10.62
N GLN B 33 -11.16 16.04 9.91
CA GLN B 33 -10.93 17.30 9.23
C GLN B 33 -11.28 18.45 10.18
N PRO B 34 -10.26 19.18 10.63
CA PRO B 34 -10.44 20.29 11.57
C PRO B 34 -11.31 21.38 10.98
N ASP B 35 -10.94 21.88 9.81
CA ASP B 35 -11.63 23.04 9.23
C ASP B 35 -12.89 22.75 8.42
N ILE B 36 -12.93 21.65 7.66
CA ILE B 36 -14.07 21.38 6.78
C ILE B 36 -15.10 20.35 7.28
N THR B 37 -16.28 20.39 6.67
CA THR B 37 -17.43 19.59 7.11
C THR B 37 -18.15 18.94 5.93
N ASN B 38 -19.07 18.04 6.22
CA ASN B 38 -19.84 17.37 5.18
C ASN B 38 -20.59 18.37 4.31
N SER B 39 -21.03 19.45 4.93
CA SER B 39 -21.84 20.45 4.25
C SER B 39 -20.98 21.21 3.24
N MET B 40 -19.76 21.56 3.63
CA MET B 40 -18.81 22.17 2.71
C MET B 40 -18.52 21.24 1.55
N ARG B 41 -18.45 19.95 1.84
CA ARG B 41 -18.17 18.96 0.81
C ARG B 41 -19.35 18.88 -0.17
N ALA B 42 -20.56 18.88 0.37
CA ALA B 42 -21.76 18.93 -0.46
C ALA B 42 -21.71 20.15 -1.38
N ILE B 43 -21.22 21.26 -0.86
CA ILE B 43 -21.10 22.47 -1.66
C ILE B 43 -20.12 22.30 -2.83
N LEU B 44 -18.95 21.75 -2.54
CA LEU B 44 -17.94 21.45 -3.56
C LEU B 44 -18.47 20.50 -4.62
N VAL B 45 -19.10 19.40 -4.18
CA VAL B 45 -19.57 18.42 -5.15
C VAL B 45 -20.66 19.00 -6.05
N ASP B 46 -21.55 19.79 -5.46
CA ASP B 46 -22.63 20.42 -6.21
C ASP B 46 -22.04 21.25 -7.32
N TRP B 47 -21.04 22.03 -6.97
CA TRP B 47 -20.31 22.85 -7.92
C TRP B 47 -19.66 22.01 -9.04
N LEU B 48 -19.09 20.88 -8.68
CA LEU B 48 -18.46 20.00 -9.67
C LEU B 48 -19.47 19.49 -10.69
N VAL B 49 -20.70 19.27 -10.25
CA VAL B 49 -21.78 18.96 -11.18
C VAL B 49 -22.01 20.11 -12.14
N GLU B 50 -21.95 21.34 -11.63
CA GLU B 50 -22.14 22.52 -12.47
C GLU B 50 -21.06 22.55 -13.53
N VAL B 51 -19.82 22.39 -13.09
CA VAL B 51 -18.68 22.36 -14.00
C VAL B 51 -18.84 21.27 -15.05
N GLY B 52 -19.30 20.09 -14.63
CA GLY B 52 -19.51 19.01 -15.56
C GLY B 52 -20.46 19.39 -16.68
N GLU B 53 -21.55 20.07 -16.32
CA GLU B 53 -22.55 20.52 -17.29
C GLU B 53 -22.00 21.55 -18.25
N GLU B 54 -21.28 22.53 -17.70
CA GLU B 54 -20.79 23.63 -18.48
C GLU B 54 -19.81 23.16 -19.55
N TYR B 55 -19.04 22.13 -19.24
CA TYR B 55 -18.07 21.62 -20.20
C TYR B 55 -18.52 20.31 -20.86
N LYS B 56 -19.74 19.90 -20.57
CA LYS B 56 -20.30 18.71 -21.19
C LYS B 56 -19.43 17.46 -20.96
N LEU B 57 -18.94 17.33 -19.73
CA LEU B 57 -18.13 16.19 -19.33
C LEU B 57 -19.01 14.96 -19.14
N GLN B 58 -18.40 13.78 -19.26
CA GLN B 58 -19.09 12.54 -18.98
C GLN B 58 -19.49 12.49 -17.50
N ASN B 59 -20.55 11.75 -17.18
CA ASN B 59 -20.89 11.50 -15.76
C ASN B 59 -19.78 10.74 -15.05
N GLU B 60 -19.17 9.80 -15.76
CA GLU B 60 -18.08 9.00 -15.22
C GLU B 60 -16.96 9.88 -14.66
N THR B 61 -16.60 10.91 -15.42
CA THR B 61 -15.60 11.88 -15.01
C THR B 61 -15.92 12.51 -13.65
N LEU B 62 -17.17 12.90 -13.47
CA LEU B 62 -17.64 13.48 -12.22
C LEU B 62 -17.51 12.49 -11.05
N HIS B 63 -17.92 11.24 -11.27
CA HIS B 63 -17.77 10.20 -10.24
C HIS B 63 -16.32 9.97 -9.86
N LEU B 64 -15.46 9.89 -10.86
CA LEU B 64 -14.04 9.69 -10.63
C LEU B 64 -13.49 10.81 -9.76
N ALA B 65 -13.79 12.04 -10.15
CA ALA B 65 -13.30 13.22 -9.45
C ALA B 65 -13.72 13.21 -7.97
N VAL B 66 -14.94 12.77 -7.69
CA VAL B 66 -15.37 12.65 -6.31
C VAL B 66 -14.63 11.54 -5.54
N ASN B 67 -14.40 10.41 -6.22
CA ASN B 67 -13.54 9.37 -5.64
C ASN B 67 -12.16 9.91 -5.26
N TYR B 68 -11.58 10.72 -6.14
CA TYR B 68 -10.25 11.27 -5.89
C TYR B 68 -10.29 12.21 -4.69
N ILE B 69 -11.32 13.03 -4.60
CA ILE B 69 -11.39 14.00 -3.51
C ILE B 69 -11.52 13.29 -2.18
N ASP B 70 -12.41 12.31 -2.10
CA ASP B 70 -12.63 11.61 -0.85
C ASP B 70 -11.39 10.86 -0.39
N ARG B 71 -10.68 10.21 -1.33
CA ARG B 71 -9.49 9.45 -1.00
C ARG B 71 -8.38 10.38 -0.52
N PHE B 72 -8.27 11.54 -1.17
CA PHE B 72 -7.27 12.52 -0.82
C PHE B 72 -7.53 13.08 0.58
N LEU B 73 -8.79 13.46 0.84
CA LEU B 73 -9.16 14.07 2.10
C LEU B 73 -9.16 13.04 3.22
N SER B 74 -9.01 11.77 2.84
CA SER B 74 -8.89 10.67 3.80
C SER B 74 -7.53 10.63 4.48
N SER B 75 -6.53 11.25 3.87
CA SER B 75 -5.18 11.26 4.47
C SER B 75 -4.56 12.66 4.58
N MET B 76 -5.21 13.67 4.03
CA MET B 76 -4.66 15.02 4.09
C MET B 76 -5.65 16.02 4.67
N SER B 77 -5.22 16.75 5.68
CA SER B 77 -6.03 17.85 6.22
C SER B 77 -6.01 19.03 5.27
N VAL B 78 -7.18 19.62 5.02
CA VAL B 78 -7.26 20.76 4.14
C VAL B 78 -8.07 21.89 4.77
N LEU B 79 -7.58 23.12 4.64
CA LEU B 79 -8.35 24.26 5.11
C LEU B 79 -9.48 24.54 4.12
N ARG B 80 -10.58 25.09 4.61
CA ARG B 80 -11.74 25.34 3.76
C ARG B 80 -11.39 26.19 2.54
N GLY B 81 -10.41 27.08 2.67
CA GLY B 81 -10.03 27.95 1.59
C GLY B 81 -9.30 27.21 0.48
N LYS B 82 -8.95 25.96 0.74
CA LYS B 82 -8.20 25.18 -0.23
C LYS B 82 -8.99 23.99 -0.75
N LEU B 83 -10.17 23.77 -0.19
CA LEU B 83 -10.99 22.63 -0.59
C LEU B 83 -11.30 22.69 -2.09
N GLN B 84 -11.67 23.88 -2.56
CA GLN B 84 -11.99 24.05 -3.97
C GLN B 84 -10.78 23.76 -4.86
N LEU B 85 -9.58 24.06 -4.37
CA LEU B 85 -8.38 23.81 -5.14
C LEU B 85 -8.19 22.31 -5.31
N VAL B 86 -8.44 21.57 -4.23
CA VAL B 86 -8.39 20.11 -4.26
C VAL B 86 -9.39 19.58 -5.30
N GLY B 87 -10.61 20.12 -5.25
CA GLY B 87 -11.65 19.71 -6.18
C GLY B 87 -11.33 20.03 -7.63
N THR B 88 -10.80 21.23 -7.88
CA THR B 88 -10.44 21.63 -9.24
C THR B 88 -9.42 20.65 -9.83
N ALA B 89 -8.35 20.37 -9.09
CA ALA B 89 -7.32 19.44 -9.52
C ALA B 89 -7.85 18.00 -9.72
N ALA B 90 -8.83 17.62 -8.93
CA ALA B 90 -9.37 16.29 -9.07
C ALA B 90 -10.15 16.18 -10.38
N MET B 91 -11.03 17.14 -10.63
CA MET B 91 -11.79 17.21 -11.88
C MET B 91 -10.85 17.22 -13.09
N LEU B 92 -9.77 17.98 -12.98
CA LEU B 92 -8.75 18.05 -14.03
C LEU B 92 -8.15 16.68 -14.34
N LEU B 93 -7.75 15.98 -13.29
CA LEU B 93 -7.19 14.64 -13.42
C LEU B 93 -8.22 13.67 -13.95
N ALA B 94 -9.43 13.73 -13.41
CA ALA B 94 -10.51 12.87 -13.85
C ALA B 94 -10.76 13.10 -15.35
N SER B 95 -10.76 14.36 -15.75
CA SER B 95 -10.94 14.72 -17.15
C SER B 95 -9.83 14.15 -18.03
N LYS B 96 -8.60 14.31 -17.55
CA LYS B 96 -7.46 13.82 -18.29
C LYS B 96 -7.57 12.30 -18.43
N PHE B 97 -8.03 11.64 -17.38
CA PHE B 97 -8.19 10.19 -17.40
C PHE B 97 -9.35 9.70 -18.29
N GLU B 98 -10.52 10.31 -18.14
CA GLU B 98 -11.73 9.76 -18.77
C GLU B 98 -12.18 10.41 -20.09
N GLU B 99 -11.83 11.67 -20.32
CA GLU B 99 -12.39 12.41 -21.45
C GLU B 99 -11.60 12.30 -22.75
N ILE B 100 -12.33 12.20 -23.86
CA ILE B 100 -11.72 12.32 -25.18
C ILE B 100 -11.04 13.69 -25.33
N TYR B 101 -11.78 14.77 -25.07
CA TYR B 101 -11.18 16.11 -25.04
C TYR B 101 -11.35 16.77 -23.68
N PRO B 102 -10.34 16.62 -22.82
CA PRO B 102 -10.38 17.30 -21.52
C PRO B 102 -10.33 18.81 -21.70
N PRO B 103 -11.12 19.55 -20.91
CA PRO B 103 -10.98 21.01 -20.88
C PRO B 103 -9.55 21.36 -20.50
N GLU B 104 -8.99 22.41 -21.10
CA GLU B 104 -7.62 22.84 -20.81
C GLU B 104 -7.52 23.39 -19.40
N VAL B 105 -6.30 23.45 -18.90
CA VAL B 105 -6.06 23.92 -17.56
C VAL B 105 -6.57 25.34 -17.36
N ALA B 106 -6.33 26.20 -18.35
CA ALA B 106 -6.78 27.58 -18.28
C ALA B 106 -8.27 27.63 -18.02
N GLU B 107 -8.99 26.65 -18.55
CA GLU B 107 -10.44 26.62 -18.41
C GLU B 107 -10.83 26.26 -16.98
N PHE B 108 -10.03 25.42 -16.35
CA PHE B 108 -10.27 25.08 -14.96
C PHE B 108 -9.92 26.25 -14.07
N VAL B 109 -8.85 26.97 -14.43
CA VAL B 109 -8.46 28.14 -13.67
C VAL B 109 -9.53 29.20 -13.77
N TYR B 110 -10.22 29.24 -14.90
CA TYR B 110 -11.26 30.23 -15.13
C TYR B 110 -12.50 29.98 -14.28
N ILE B 111 -12.92 28.72 -14.17
CA ILE B 111 -14.14 28.39 -13.43
C ILE B 111 -14.02 28.48 -11.91
N THR B 112 -12.80 28.61 -11.39
CA THR B 112 -12.64 28.81 -9.96
C THR B 112 -12.73 30.28 -9.63
N ASP B 113 -13.32 31.06 -10.52
CA ASP B 113 -13.39 32.51 -10.38
C ASP B 113 -12.02 33.14 -10.12
N ASP B 114 -10.99 32.57 -10.75
CA ASP B 114 -9.63 33.07 -10.58
C ASP B 114 -9.27 33.20 -9.10
N THR B 115 -9.79 32.28 -8.29
CA THR B 115 -9.42 32.19 -6.88
C THR B 115 -7.97 31.72 -6.79
N TYR B 116 -7.62 30.80 -7.67
CA TYR B 116 -6.31 30.18 -7.65
C TYR B 116 -5.56 30.46 -8.95
N THR B 117 -4.24 30.38 -8.91
CA THR B 117 -3.43 30.51 -10.12
C THR B 117 -3.29 29.18 -10.85
N LYS B 118 -2.99 29.24 -12.14
CA LYS B 118 -2.71 28.05 -12.92
C LYS B 118 -1.58 27.28 -12.26
N LYS B 119 -0.63 28.00 -11.69
CA LYS B 119 0.50 27.37 -11.04
C LYS B 119 0.07 26.54 -9.82
N GLN B 120 -0.88 27.05 -9.05
CA GLN B 120 -1.38 26.30 -7.89
C GLN B 120 -2.15 25.07 -8.35
N VAL B 121 -2.99 25.25 -9.37
CA VAL B 121 -3.79 24.16 -9.89
C VAL B 121 -2.90 23.00 -10.30
N LEU B 122 -1.79 23.31 -10.95
CA LEU B 122 -0.87 22.27 -11.42
C LEU B 122 -0.07 21.67 -10.28
N ARG B 123 0.35 22.50 -9.33
CA ARG B 123 1.04 21.95 -8.18
C ARG B 123 0.10 21.02 -7.40
N MET B 124 -1.17 21.37 -7.30
CA MET B 124 -2.10 20.52 -6.59
C MET B 124 -2.37 19.25 -7.38
N GLU B 125 -2.37 19.36 -8.71
CA GLU B 125 -2.52 18.17 -9.53
C GLU B 125 -1.43 17.19 -9.16
N HIS B 126 -0.20 17.69 -9.13
CA HIS B 126 0.97 16.90 -8.78
C HIS B 126 0.84 16.25 -7.40
N LEU B 127 0.37 17.03 -6.43
CA LEU B 127 0.24 16.57 -5.06
C LEU B 127 -0.83 15.49 -4.95
N VAL B 128 -1.96 15.71 -5.63
CA VAL B 128 -3.00 14.69 -5.67
C VAL B 128 -2.46 13.37 -6.22
N LEU B 129 -1.76 13.43 -7.35
CA LEU B 129 -1.16 12.22 -7.93
C LEU B 129 -0.28 11.50 -6.92
N LYS B 130 0.49 12.27 -6.15
CA LYS B 130 1.36 11.69 -5.14
C LYS B 130 0.54 10.95 -4.10
N VAL B 131 -0.47 11.63 -3.57
CA VAL B 131 -1.24 11.11 -2.46
C VAL B 131 -2.04 9.88 -2.87
N LEU B 132 -2.49 9.86 -4.12
CA LEU B 132 -3.20 8.70 -4.67
C LEU B 132 -2.25 7.71 -5.32
N THR B 133 -0.96 8.01 -5.28
CA THR B 133 0.08 7.19 -5.93
C THR B 133 -0.32 6.78 -7.35
N PHE B 134 -0.97 7.68 -8.06
CA PHE B 134 -1.31 7.46 -9.46
C PHE B 134 -2.38 6.38 -9.69
N ASP B 135 -3.14 6.02 -8.66
CA ASP B 135 -4.15 4.97 -8.81
C ASP B 135 -5.48 5.60 -9.11
N LEU B 136 -5.67 5.98 -10.37
CA LEU B 136 -6.83 6.74 -10.80
C LEU B 136 -7.98 5.88 -11.33
N ALA B 137 -7.68 4.66 -11.75
CA ALA B 137 -8.70 3.82 -12.38
C ALA B 137 -9.64 3.19 -11.35
N ALA B 138 -10.32 4.03 -10.57
CA ALA B 138 -11.20 3.59 -9.51
C ALA B 138 -12.57 3.21 -10.06
N PRO B 139 -13.18 2.15 -9.48
CA PRO B 139 -14.57 1.79 -9.77
C PRO B 139 -15.53 2.86 -9.27
N THR B 140 -16.66 3.02 -9.96
CA THR B 140 -17.63 4.05 -9.60
C THR B 140 -19.01 3.45 -9.68
N VAL B 141 -19.96 4.13 -9.04
CA VAL B 141 -21.37 3.78 -9.11
C VAL B 141 -21.79 3.63 -10.57
N ASN B 142 -21.45 4.64 -11.37
CA ASN B 142 -21.73 4.65 -12.79
C ASN B 142 -21.30 3.37 -13.52
N GLN B 143 -20.08 2.89 -13.27
CA GLN B 143 -19.60 1.62 -13.84
C GLN B 143 -20.42 0.37 -13.50
N PHE B 144 -20.96 0.34 -12.28
CA PHE B 144 -21.83 -0.75 -11.87
C PHE B 144 -23.22 -0.59 -12.47
N LEU B 145 -23.74 0.65 -12.45
CA LEU B 145 -25.03 0.92 -13.08
C LEU B 145 -25.12 0.44 -14.53
N THR B 146 -24.13 0.78 -15.35
CA THR B 146 -24.20 0.40 -16.78
C THR B 146 -24.19 -1.12 -16.96
N GLN B 147 -23.47 -1.85 -16.11
CA GLN B 147 -23.57 -3.30 -16.11
C GLN B 147 -24.95 -3.79 -15.68
N TYR B 148 -25.51 -3.17 -14.64
CA TYR B 148 -26.81 -3.56 -14.13
C TYR B 148 -27.89 -3.32 -15.18
N PHE B 149 -27.76 -2.22 -15.92
CA PHE B 149 -28.72 -1.88 -16.98
C PHE B 149 -28.87 -3.01 -18.01
N LEU B 150 -27.84 -3.82 -18.18
CA LEU B 150 -27.93 -4.94 -19.13
C LEU B 150 -28.95 -5.99 -18.72
N HIS B 151 -29.47 -5.91 -17.51
CA HIS B 151 -30.43 -6.92 -17.04
C HIS B 151 -31.88 -6.49 -17.12
N GLN B 152 -32.13 -5.37 -17.78
CA GLN B 152 -33.50 -4.90 -17.98
C GLN B 152 -34.26 -5.71 -19.00
N GLN B 153 -35.57 -5.84 -18.80
CA GLN B 153 -36.45 -6.53 -19.74
C GLN B 153 -37.77 -5.78 -19.94
N PRO B 154 -37.85 -4.95 -20.99
CA PRO B 154 -36.70 -4.64 -21.84
C PRO B 154 -36.08 -3.34 -21.33
N ALA B 155 -35.12 -2.79 -22.06
CA ALA B 155 -34.45 -1.59 -21.61
C ALA B 155 -35.42 -0.42 -21.51
N ASN B 156 -35.24 0.41 -20.49
CA ASN B 156 -36.09 1.57 -20.30
C ASN B 156 -35.24 2.81 -19.96
N CYS B 157 -35.31 3.80 -20.83
CA CYS B 157 -34.48 4.99 -20.72
C CYS B 157 -34.76 5.79 -19.46
N LYS B 158 -36.02 5.93 -19.10
CA LYS B 158 -36.38 6.62 -17.86
C LYS B 158 -35.72 5.96 -16.66
N VAL B 159 -35.68 4.63 -16.66
CA VAL B 159 -35.08 3.88 -15.55
C VAL B 159 -33.57 4.11 -15.45
N GLU B 160 -32.89 4.06 -16.60
CA GLU B 160 -31.46 4.31 -16.60
C GLU B 160 -31.15 5.73 -16.14
N SER B 161 -31.93 6.70 -16.60
CA SER B 161 -31.68 8.10 -16.24
C SER B 161 -32.03 8.37 -14.78
N LEU B 162 -33.15 7.84 -14.32
CA LEU B 162 -33.48 7.91 -12.89
C LEU B 162 -32.38 7.27 -12.02
N ALA B 163 -31.92 6.07 -12.41
CA ALA B 163 -30.88 5.39 -11.66
C ALA B 163 -29.61 6.25 -11.59
N MET B 164 -29.18 6.74 -12.74
CA MET B 164 -28.05 7.67 -12.85
C MET B 164 -28.23 8.87 -11.93
N PHE B 165 -29.44 9.40 -11.91
CA PHE B 165 -29.77 10.58 -11.13
C PHE B 165 -29.63 10.30 -9.63
N LEU B 166 -30.25 9.21 -9.19
CA LEU B 166 -30.14 8.76 -7.80
C LEU B 166 -28.70 8.47 -7.40
N GLY B 167 -27.99 7.75 -8.25
CA GLY B 167 -26.61 7.40 -7.97
C GLY B 167 -25.87 8.69 -7.76
N GLU B 168 -26.22 9.71 -8.55
CA GLU B 168 -25.50 10.96 -8.53
C GLU B 168 -25.82 11.78 -7.27
N LEU B 169 -27.08 11.75 -6.83
CA LEU B 169 -27.43 12.40 -5.57
C LEU B 169 -26.58 11.88 -4.40
N SER B 170 -26.17 10.63 -4.46
CA SER B 170 -25.43 10.03 -3.36
C SER B 170 -24.05 10.69 -3.19
N LEU B 171 -23.48 11.18 -4.28
CA LEU B 171 -22.17 11.82 -4.23
C LEU B 171 -22.17 13.07 -3.32
N ILE B 172 -23.33 13.70 -3.18
CA ILE B 172 -23.43 14.97 -2.46
C ILE B 172 -23.24 14.80 -0.95
N ASP B 173 -23.83 13.75 -0.39
CA ASP B 173 -23.90 13.61 1.06
C ASP B 173 -22.98 12.51 1.61
N ALA B 174 -21.78 12.92 2.02
CA ALA B 174 -20.79 12.02 2.62
C ALA B 174 -21.43 11.20 3.75
N ASP B 175 -22.30 11.84 4.52
CA ASP B 175 -23.17 11.17 5.47
C ASP B 175 -24.55 11.08 4.82
N PRO B 176 -24.98 9.84 4.48
CA PRO B 176 -24.31 8.61 4.90
C PRO B 176 -23.54 7.83 3.81
N TYR B 177 -23.52 8.31 2.58
CA TYR B 177 -23.15 7.40 1.48
C TYR B 177 -21.67 6.96 1.45
N LEU B 178 -20.82 7.64 2.21
CA LEU B 178 -19.41 7.28 2.30
C LEU B 178 -19.21 5.85 2.83
N LYS B 179 -20.23 5.29 3.47
CA LYS B 179 -20.10 3.95 4.07
C LYS B 179 -20.62 2.81 3.20
N TYR B 180 -21.16 3.16 2.03
CA TYR B 180 -21.61 2.16 1.09
C TYR B 180 -20.68 2.09 -0.14
N LEU B 181 -20.30 0.88 -0.52
CA LEU B 181 -19.53 0.67 -1.74
C LEU B 181 -20.37 1.04 -2.94
N PRO B 182 -19.70 1.52 -4.00
CA PRO B 182 -20.33 1.93 -5.26
C PRO B 182 -21.26 0.84 -5.81
N SER B 183 -20.84 -0.41 -5.71
CA SER B 183 -21.63 -1.48 -6.26
C SER B 183 -22.98 -1.59 -5.52
N VAL B 184 -22.97 -1.23 -4.23
CA VAL B 184 -24.18 -1.26 -3.42
C VAL B 184 -25.09 -0.06 -3.66
N ILE B 185 -24.51 1.14 -3.75
CA ILE B 185 -25.29 2.31 -4.14
C ILE B 185 -25.90 2.10 -5.53
N ALA B 186 -25.12 1.49 -6.42
CA ALA B 186 -25.62 1.17 -7.77
C ALA B 186 -26.85 0.27 -7.72
N GLY B 187 -26.85 -0.68 -6.80
CA GLY B 187 -27.93 -1.63 -6.70
C GLY B 187 -29.17 -0.97 -6.14
N ALA B 188 -28.98 -0.21 -5.07
CA ALA B 188 -30.05 0.57 -4.46
C ALA B 188 -30.67 1.54 -5.46
N ALA B 189 -29.81 2.29 -6.15
CA ALA B 189 -30.27 3.21 -7.19
C ALA B 189 -31.07 2.53 -8.31
N PHE B 190 -30.56 1.40 -8.81
CA PHE B 190 -31.21 0.68 -9.90
C PHE B 190 -32.57 0.18 -9.46
N HIS B 191 -32.64 -0.45 -8.29
CA HIS B 191 -33.93 -0.96 -7.83
C HIS B 191 -34.92 0.17 -7.59
N LEU B 192 -34.45 1.27 -6.98
CA LEU B 192 -35.33 2.40 -6.69
C LEU B 192 -35.88 3.03 -7.99
N ALA B 193 -35.04 3.16 -9.01
CA ALA B 193 -35.49 3.70 -10.30
C ALA B 193 -36.47 2.78 -11.00
N LEU B 194 -36.15 1.49 -10.99
CA LEU B 194 -36.96 0.45 -11.61
C LEU B 194 -38.33 0.35 -10.94
N TYR B 195 -38.33 0.38 -9.62
CA TYR B 195 -39.58 0.40 -8.87
C TYR B 195 -40.39 1.65 -9.20
N THR B 196 -39.75 2.82 -9.17
CA THR B 196 -40.46 4.08 -9.38
C THR B 196 -41.14 4.18 -10.74
N VAL B 197 -40.40 3.79 -11.78
CA VAL B 197 -40.89 3.88 -13.14
C VAL B 197 -41.82 2.74 -13.54
N THR B 198 -41.41 1.49 -13.30
CA THR B 198 -42.18 0.35 -13.79
C THR B 198 -42.90 -0.48 -12.73
N GLY B 199 -42.52 -0.31 -11.47
CA GLY B 199 -43.14 -1.07 -10.41
C GLY B 199 -42.49 -2.41 -10.14
N GLN B 200 -41.47 -2.76 -10.94
CA GLN B 200 -40.74 -4.01 -10.81
C GLN B 200 -39.59 -3.89 -9.81
N SER B 201 -38.90 -5.01 -9.58
CA SER B 201 -37.87 -5.05 -8.55
C SER B 201 -36.50 -5.57 -9.01
N TRP B 202 -35.54 -5.53 -8.09
CA TRP B 202 -34.20 -6.08 -8.27
C TRP B 202 -34.34 -7.49 -8.84
N PRO B 203 -33.98 -7.65 -10.12
CA PRO B 203 -34.20 -8.90 -10.86
C PRO B 203 -33.36 -10.05 -10.33
N GLU B 204 -33.96 -11.23 -10.37
CA GLU B 204 -33.30 -12.45 -9.93
C GLU B 204 -31.94 -12.61 -10.58
N SER B 205 -31.80 -12.17 -11.82
CA SER B 205 -30.53 -12.35 -12.50
C SER B 205 -29.39 -11.50 -11.88
N LEU B 206 -29.72 -10.37 -11.27
CA LEU B 206 -28.70 -9.53 -10.63
C LEU B 206 -28.31 -10.09 -9.27
N ILE B 207 -29.23 -10.82 -8.65
CA ILE B 207 -28.86 -11.61 -7.48
C ILE B 207 -27.81 -12.67 -7.85
N ARG B 208 -28.04 -13.40 -8.93
CA ARG B 208 -27.04 -14.38 -9.36
C ARG B 208 -25.72 -13.68 -9.63
N LYS B 209 -25.78 -12.55 -10.32
CA LYS B 209 -24.57 -11.82 -10.70
C LYS B 209 -23.82 -11.25 -9.50
N THR B 210 -24.55 -10.51 -8.65
CA THR B 210 -23.92 -9.70 -7.62
C THR B 210 -23.86 -10.37 -6.25
N GLY B 211 -24.84 -11.24 -5.99
CA GLY B 211 -24.98 -11.86 -4.69
C GLY B 211 -25.77 -10.97 -3.75
N TYR B 212 -26.14 -9.78 -4.23
CA TYR B 212 -26.93 -8.86 -3.42
C TYR B 212 -28.41 -9.16 -3.54
N THR B 213 -29.13 -9.01 -2.43
CA THR B 213 -30.59 -9.20 -2.41
C THR B 213 -31.21 -7.89 -1.95
N LEU B 214 -32.51 -7.75 -2.15
CA LEU B 214 -33.23 -6.61 -1.60
C LEU B 214 -32.88 -6.43 -0.14
N GLU B 215 -32.69 -7.55 0.55
CA GLU B 215 -32.40 -7.52 1.98
C GLU B 215 -31.02 -6.93 2.26
N SER B 216 -30.01 -7.37 1.51
CA SER B 216 -28.68 -6.80 1.68
C SER B 216 -28.67 -5.31 1.25
N LEU B 217 -29.44 -4.95 0.23
CA LEU B 217 -29.48 -3.58 -0.25
C LEU B 217 -30.28 -2.67 0.69
N LYS B 218 -31.22 -3.25 1.43
CA LYS B 218 -32.20 -2.51 2.23
C LYS B 218 -31.68 -1.27 2.97
N PRO B 219 -30.59 -1.42 3.74
CA PRO B 219 -30.05 -0.26 4.48
C PRO B 219 -29.72 0.95 3.59
N CYS B 220 -28.98 0.71 2.50
CA CYS B 220 -28.65 1.76 1.55
C CYS B 220 -29.91 2.28 0.87
N LEU B 221 -30.77 1.33 0.51
CA LEU B 221 -32.04 1.63 -0.12
C LEU B 221 -32.92 2.56 0.72
N MET B 222 -32.93 2.35 2.04
CA MET B 222 -33.70 3.21 2.94
C MET B 222 -33.15 4.62 2.94
N ASP B 223 -31.83 4.74 2.99
CA ASP B 223 -31.24 6.08 2.97
C ASP B 223 -31.55 6.75 1.65
N LEU B 224 -31.27 6.05 0.57
CA LEU B 224 -31.39 6.61 -0.76
C LEU B 224 -32.83 7.02 -1.01
N HIS B 225 -33.77 6.28 -0.41
CA HIS B 225 -35.17 6.62 -0.54
C HIS B 225 -35.50 7.97 0.12
N GLN B 226 -34.94 8.19 1.31
CA GLN B 226 -35.17 9.46 1.99
C GLN B 226 -34.50 10.58 1.22
N THR B 227 -33.33 10.29 0.66
CA THR B 227 -32.64 11.31 -0.11
C THR B 227 -33.50 11.74 -1.28
N TYR B 228 -34.05 10.76 -1.99
CA TYR B 228 -34.96 10.98 -3.10
C TYR B 228 -36.17 11.82 -2.69
N LEU B 229 -36.79 11.46 -1.58
CA LEU B 229 -37.96 12.18 -1.10
C LEU B 229 -37.65 13.63 -0.74
N LYS B 230 -36.50 13.87 -0.12
CA LYS B 230 -36.17 15.22 0.35
C LYS B 230 -35.38 16.05 -0.65
N ALA B 231 -35.10 15.47 -1.82
CA ALA B 231 -34.30 16.15 -2.85
C ALA B 231 -34.73 17.60 -3.12
N PRO B 232 -36.03 17.85 -3.33
CA PRO B 232 -36.44 19.21 -3.68
C PRO B 232 -36.15 20.23 -2.58
N GLN B 233 -35.92 19.74 -1.36
CA GLN B 233 -35.64 20.61 -0.22
C GLN B 233 -34.16 20.72 0.08
N HIS B 234 -33.35 19.90 -0.58
CA HIS B 234 -31.92 19.90 -0.33
C HIS B 234 -31.28 21.26 -0.63
N ALA B 235 -30.35 21.66 0.22
CA ALA B 235 -29.60 22.90 0.00
C ALA B 235 -28.92 22.94 -1.37
N GLN B 236 -28.44 21.77 -1.81
CA GLN B 236 -27.78 21.64 -3.11
C GLN B 236 -28.75 21.16 -4.19
N GLN B 237 -28.80 21.88 -5.32
CA GLN B 237 -29.83 21.64 -6.34
C GLN B 237 -29.32 21.40 -7.77
N SER B 238 -28.01 21.36 -7.97
CA SER B 238 -27.47 21.25 -9.33
C SER B 238 -27.77 19.92 -10.04
N ILE B 239 -27.97 18.85 -9.29
CA ILE B 239 -28.27 17.55 -9.90
C ILE B 239 -29.74 17.49 -10.35
N ARG B 240 -30.63 18.09 -9.58
CA ARG B 240 -32.02 18.23 -10.03
C ARG B 240 -32.15 19.13 -11.26
N GLU B 241 -31.44 20.26 -11.30
CA GLU B 241 -31.46 21.11 -12.48
C GLU B 241 -30.97 20.30 -13.67
N LYS B 242 -29.85 19.62 -13.49
CA LYS B 242 -29.24 18.84 -14.55
C LYS B 242 -30.22 17.80 -15.13
N TYR B 243 -30.92 17.09 -14.26
CA TYR B 243 -31.82 16.03 -14.71
C TYR B 243 -33.25 16.48 -15.04
N LYS B 244 -33.42 17.78 -15.22
CA LYS B 244 -34.65 18.34 -15.77
C LYS B 244 -34.49 18.30 -17.28
N ASN B 245 -33.26 18.12 -17.70
CA ASN B 245 -32.89 18.20 -19.10
C ASN B 245 -33.38 16.98 -19.87
N SER B 246 -33.71 17.19 -21.13
CA SER B 246 -34.27 16.15 -21.97
C SER B 246 -33.21 15.12 -22.27
N LYS B 247 -31.96 15.52 -22.07
CA LYS B 247 -30.85 14.61 -22.27
C LYS B 247 -31.07 13.42 -21.36
N TYR B 248 -31.61 13.67 -20.17
CA TYR B 248 -31.87 12.63 -19.18
C TYR B 248 -33.35 12.40 -18.94
N HIS B 249 -34.16 12.64 -19.99
CA HIS B 249 -35.59 12.35 -19.95
C HIS B 249 -36.30 13.02 -18.78
N GLY B 250 -35.82 14.18 -18.36
CA GLY B 250 -36.38 14.96 -17.28
C GLY B 250 -36.79 14.15 -16.06
N VAL B 251 -36.00 13.14 -15.73
CA VAL B 251 -36.39 12.21 -14.68
C VAL B 251 -36.42 12.85 -13.28
N SER B 252 -35.70 13.94 -13.09
CA SER B 252 -35.76 14.64 -11.81
C SER B 252 -37.17 15.12 -11.55
N LEU B 253 -37.95 15.28 -12.63
CA LEU B 253 -39.33 15.70 -12.52
C LEU B 253 -40.31 14.58 -12.15
N LEU B 254 -39.85 13.33 -12.17
CA LEU B 254 -40.69 12.19 -11.75
C LEU B 254 -40.99 12.26 -10.25
N ASN B 255 -42.10 11.64 -9.84
CA ASN B 255 -42.47 11.64 -8.43
C ASN B 255 -41.96 10.39 -7.71
N PRO B 256 -41.25 10.58 -6.60
CA PRO B 256 -40.71 9.44 -5.86
C PRO B 256 -41.82 8.62 -5.22
N PRO B 257 -41.63 7.30 -5.10
CA PRO B 257 -42.62 6.45 -4.41
C PRO B 257 -42.75 6.87 -2.94
N GLU B 258 -43.97 6.86 -2.41
CA GLU B 258 -44.17 7.19 -1.01
C GLU B 258 -43.66 6.05 -0.13
N THR B 259 -43.86 4.81 -0.57
CA THR B 259 -43.37 3.66 0.18
C THR B 259 -42.72 2.65 -0.74
N LEU B 260 -41.70 1.99 -0.23
CA LEU B 260 -40.96 0.99 -0.99
C LEU B 260 -41.53 -0.39 -0.80
N ASN B 261 -42.05 -0.66 0.39
CA ASN B 261 -42.63 -1.96 0.69
C ASN B 261 -41.57 -3.06 0.61
N LEU B 262 -40.83 -3.22 1.70
CA LEU B 262 -39.79 -4.23 1.78
C LEU B 262 -40.08 -5.22 2.91
N SER C 3 10.57 18.26 -3.03
CA SER C 3 10.11 17.37 -1.97
C SER C 3 9.49 18.19 -0.83
N MET C 4 10.30 19.09 -0.29
CA MET C 4 9.85 20.05 0.70
C MET C 4 9.24 21.26 0.00
N GLU C 5 9.21 21.21 -1.32
CA GLU C 5 8.86 22.36 -2.12
C GLU C 5 7.56 22.98 -1.65
N ASN C 6 6.61 22.13 -1.26
CA ASN C 6 5.29 22.60 -0.83
C ASN C 6 5.22 23.09 0.61
N PHE C 7 6.31 22.93 1.36
CA PHE C 7 6.33 23.32 2.77
C PHE C 7 7.02 24.67 2.97
N GLN C 8 6.36 25.53 3.74
CA GLN C 8 6.88 26.87 4.04
C GLN C 8 7.21 26.93 5.53
N LYS C 9 8.44 27.31 5.86
CA LYS C 9 8.82 27.40 7.27
C LYS C 9 8.13 28.57 7.95
N VAL C 10 7.56 28.32 9.13
CA VAL C 10 6.90 29.36 9.90
C VAL C 10 7.81 29.87 11.01
N GLU C 11 8.35 28.93 11.78
CA GLU C 11 9.34 29.23 12.80
C GLU C 11 10.01 27.95 13.28
N LYS C 12 10.96 28.10 14.20
CA LYS C 12 11.70 26.97 14.71
C LYS C 12 11.17 26.52 16.06
N ILE C 13 10.82 25.25 16.16
CA ILE C 13 10.28 24.72 17.40
C ILE C 13 11.39 24.26 18.34
N GLY C 14 12.54 23.91 17.77
CA GLY C 14 13.67 23.53 18.60
C GLY C 14 14.55 22.48 17.98
N GLU C 15 15.65 22.18 18.66
CA GLU C 15 16.60 21.19 18.17
C GLU C 15 16.56 19.95 19.04
N GLY C 16 17.32 18.94 18.63
CA GLY C 16 17.40 17.70 19.38
C GLY C 16 18.73 17.02 19.15
N THR C 17 18.86 15.81 19.71
CA THR C 17 20.08 15.04 19.56
C THR C 17 20.38 14.73 18.08
N TYR C 18 19.35 14.28 17.36
CA TYR C 18 19.53 13.90 15.96
C TYR C 18 18.79 14.85 15.01
N GLY C 19 17.73 15.48 15.50
CA GLY C 19 16.90 16.29 14.63
C GLY C 19 16.68 17.74 15.03
N VAL C 20 16.27 18.55 14.05
CA VAL C 20 15.88 19.94 14.27
C VAL C 20 14.42 20.10 13.85
N VAL C 21 13.61 20.72 14.70
CA VAL C 21 12.16 20.79 14.45
C VAL C 21 11.65 22.18 14.07
N TYR C 22 10.87 22.23 13.00
CA TYR C 22 10.24 23.47 12.57
C TYR C 22 8.73 23.31 12.53
N LYS C 23 8.03 24.39 12.83
CA LYS C 23 6.62 24.49 12.53
C LYS C 23 6.54 24.96 11.08
N ALA C 24 5.92 24.16 10.23
CA ALA C 24 5.82 24.51 8.82
C ALA C 24 4.37 24.47 8.35
N ARG C 25 4.11 25.16 7.24
CA ARG C 25 2.77 25.18 6.64
C ARG C 25 2.79 24.63 5.21
N ASN C 26 1.85 23.73 4.91
CA ASN C 26 1.67 23.19 3.57
C ASN C 26 1.00 24.22 2.70
N LYS C 27 1.77 24.75 1.74
CA LYS C 27 1.33 25.87 0.93
C LYS C 27 0.10 25.57 0.07
N LEU C 28 -0.15 24.29 -0.15
CA LEU C 28 -1.24 23.86 -1.02
C LEU C 28 -2.51 23.55 -0.26
N THR C 29 -2.37 22.87 0.88
CA THR C 29 -3.53 22.45 1.65
C THR C 29 -3.81 23.34 2.86
N GLY C 30 -2.81 24.09 3.31
CA GLY C 30 -2.97 24.97 4.46
C GLY C 30 -2.66 24.27 5.76
N GLU C 31 -2.48 22.96 5.69
CA GLU C 31 -2.11 22.19 6.87
C GLU C 31 -0.83 22.72 7.54
N VAL C 32 -0.88 22.88 8.85
CA VAL C 32 0.30 23.23 9.64
C VAL C 32 0.83 21.94 10.28
N VAL C 33 2.15 21.78 10.26
CA VAL C 33 2.76 20.54 10.71
C VAL C 33 4.06 20.80 11.46
N ALA C 34 4.52 19.82 12.22
CA ALA C 34 5.87 19.89 12.76
C ALA C 34 6.78 19.07 11.85
N LEU C 35 7.91 19.69 11.48
CA LEU C 35 8.90 19.06 10.62
C LEU C 35 10.16 18.72 11.38
N LYS C 36 10.49 17.44 11.48
CA LYS C 36 11.76 17.08 12.11
C LYS C 36 12.78 16.69 11.06
N LYS C 37 13.81 17.53 10.90
CA LYS C 37 14.88 17.27 9.96
C LYS C 37 15.95 16.42 10.63
N ILE C 38 16.33 15.33 9.99
CA ILE C 38 17.35 14.45 10.53
C ILE C 38 18.51 14.30 9.57
N ARG C 39 19.68 14.76 9.99
CA ARG C 39 20.87 14.64 9.19
C ARG C 39 21.32 13.18 9.10
N LEU C 40 21.57 12.74 7.87
CA LEU C 40 22.04 11.39 7.63
C LEU C 40 23.58 11.38 7.56
N ASP C 41 24.19 10.43 8.27
CA ASP C 41 25.63 10.31 8.28
C ASP C 41 26.06 9.54 7.04
N THR C 42 26.04 10.21 5.90
CA THR C 42 26.17 9.55 4.61
C THR C 42 27.57 8.96 4.28
N GLU C 43 28.58 9.30 5.06
CA GLU C 43 29.91 8.76 4.82
C GLU C 43 30.41 7.94 6.01
N THR C 44 29.60 7.82 7.06
CA THR C 44 30.02 7.09 8.25
C THR C 44 29.05 6.00 8.69
N GLU C 45 28.03 6.35 9.47
CA GLU C 45 27.18 5.35 10.09
C GLU C 45 25.73 5.30 9.58
N GLY C 46 25.43 6.04 8.52
CA GLY C 46 24.13 5.94 7.87
C GLY C 46 22.97 6.47 8.70
N VAL C 47 21.79 5.91 8.46
CA VAL C 47 20.59 6.29 9.19
C VAL C 47 20.71 5.94 10.68
N PRO C 48 20.42 6.90 11.56
CA PRO C 48 20.48 6.69 13.01
C PRO C 48 19.46 5.66 13.52
N SER C 49 19.86 4.81 14.47
CA SER C 49 18.94 3.84 15.05
C SER C 49 17.70 4.47 15.70
N THR C 50 17.84 5.56 16.44
CA THR C 50 16.66 6.23 16.99
C THR C 50 15.64 6.53 15.92
N ALA C 51 16.08 7.12 14.80
CA ALA C 51 15.18 7.44 13.70
C ALA C 51 14.55 6.18 13.12
N ILE C 52 15.36 5.15 12.93
CA ILE C 52 14.85 3.87 12.45
C ILE C 52 13.77 3.31 13.37
N ARG C 53 14.02 3.32 14.68
CA ARG C 53 13.03 2.86 15.65
C ARG C 53 11.83 3.80 15.73
N GLU C 54 12.08 5.09 15.74
CA GLU C 54 10.98 6.04 15.85
C GLU C 54 10.01 5.89 14.69
N ILE C 55 10.54 5.84 13.47
CA ILE C 55 9.70 5.74 12.28
C ILE C 55 8.96 4.40 12.13
N SER C 56 9.64 3.28 12.32
CA SER C 56 8.99 1.98 12.13
C SER C 56 7.91 1.73 13.18
N LEU C 57 8.15 2.19 14.39
CA LEU C 57 7.19 2.00 15.49
C LEU C 57 6.05 3.01 15.41
N LEU C 58 6.38 4.27 15.21
CA LEU C 58 5.37 5.31 15.11
C LEU C 58 4.38 5.04 13.96
N LYS C 59 4.80 4.28 12.95
CA LYS C 59 3.93 3.92 11.84
C LYS C 59 2.92 2.82 12.21
N GLU C 60 3.26 2.02 13.22
CA GLU C 60 2.36 0.96 13.66
C GLU C 60 1.28 1.49 14.58
N LEU C 61 1.54 2.67 15.16
CA LEU C 61 0.70 3.17 16.24
C LEU C 61 -0.23 4.28 15.80
N ASN C 62 -1.46 3.90 15.49
CA ASN C 62 -2.48 4.91 15.20
C ASN C 62 -3.53 4.97 16.30
N HIS C 63 -3.38 5.96 17.17
CA HIS C 63 -4.28 6.15 18.30
C HIS C 63 -4.46 7.65 18.52
N PRO C 64 -5.62 8.06 19.07
CA PRO C 64 -5.90 9.49 19.23
C PRO C 64 -4.97 10.15 20.23
N ASN C 65 -4.40 9.36 21.14
CA ASN C 65 -3.52 9.89 22.17
C ASN C 65 -2.05 9.61 21.89
N ILE C 66 -1.75 9.25 20.65
CA ILE C 66 -0.38 9.10 20.20
C ILE C 66 -0.20 10.04 19.02
N VAL C 67 0.86 10.84 19.05
CA VAL C 67 1.08 11.82 17.99
C VAL C 67 1.12 11.12 16.63
N LYS C 68 0.67 11.81 15.59
CA LYS C 68 0.59 11.19 14.28
C LYS C 68 1.73 11.58 13.36
N LEU C 69 2.42 10.58 12.84
CA LEU C 69 3.44 10.77 11.82
C LEU C 69 2.78 10.75 10.46
N LEU C 70 2.72 11.91 9.79
CA LEU C 70 1.97 12.02 8.55
C LEU C 70 2.77 11.57 7.34
N ASP C 71 4.08 11.77 7.37
CA ASP C 71 4.89 11.48 6.21
C ASP C 71 6.37 11.40 6.54
N VAL C 72 7.09 10.62 5.73
CA VAL C 72 8.54 10.59 5.78
C VAL C 72 9.05 11.00 4.42
N ILE C 73 9.78 12.11 4.38
CA ILE C 73 10.34 12.59 3.12
C ILE C 73 11.83 12.31 3.06
N HIS C 74 12.25 11.64 1.99
CA HIS C 74 13.64 11.20 1.80
C HIS C 74 14.50 12.17 0.99
N THR C 75 15.81 12.00 1.15
CA THR C 75 16.79 12.76 0.43
C THR C 75 18.06 11.96 0.60
N GLU C 76 19.02 12.13 -0.29
CA GLU C 76 20.29 11.48 -0.13
C GLU C 76 20.89 11.83 1.22
N ASN C 77 20.62 13.05 1.70
CA ASN C 77 21.30 13.56 2.90
C ASN C 77 20.44 13.87 4.11
N LYS C 78 19.15 14.05 3.89
CA LYS C 78 18.28 14.40 5.01
C LYS C 78 17.04 13.55 5.03
N LEU C 79 16.55 13.30 6.24
CA LEU C 79 15.27 12.65 6.42
C LEU C 79 14.37 13.69 7.05
N TYR C 80 13.17 13.83 6.51
CA TYR C 80 12.20 14.76 7.07
C TYR C 80 11.01 13.99 7.61
N LEU C 81 10.76 14.11 8.91
CA LEU C 81 9.57 13.50 9.50
C LEU C 81 8.47 14.55 9.57
N VAL C 82 7.29 14.19 9.06
CA VAL C 82 6.19 15.13 9.04
C VAL C 82 5.15 14.75 10.10
N PHE C 83 5.11 15.54 11.17
CA PHE C 83 4.22 15.29 12.28
C PHE C 83 3.03 16.25 12.24
N GLU C 84 1.90 15.81 12.79
CA GLU C 84 0.79 16.72 13.03
C GLU C 84 1.29 17.78 14.01
N PHE C 85 0.85 19.02 13.83
CA PHE C 85 1.24 20.07 14.74
C PHE C 85 0.34 20.10 15.96
N LEU C 86 0.91 20.40 17.10
CA LEU C 86 0.15 20.61 18.33
C LEU C 86 0.66 21.87 19.01
N HIS C 87 -0.18 22.48 19.85
CA HIS C 87 0.12 23.80 20.39
C HIS C 87 1.31 23.81 21.36
N GLN C 88 1.25 22.99 22.41
CA GLN C 88 2.29 22.98 23.42
C GLN C 88 2.61 21.58 23.90
N ASP C 89 3.74 21.46 24.62
CA ASP C 89 3.98 20.26 25.41
C ASP C 89 3.55 20.51 26.86
N LEU C 90 3.41 19.44 27.63
CA LEU C 90 2.85 19.54 28.97
C LEU C 90 3.71 20.40 29.88
N LYS C 91 5.03 20.38 29.65
CA LYS C 91 5.95 21.14 30.48
C LYS C 91 5.70 22.65 30.41
N LYS C 92 5.54 23.17 29.20
CA LYS C 92 5.32 24.60 29.03
C LYS C 92 4.00 25.01 29.67
N PHE C 93 3.03 24.13 29.54
CA PHE C 93 1.69 24.37 30.05
C PHE C 93 1.68 24.32 31.57
N MET C 94 2.49 23.44 32.12
CA MET C 94 2.62 23.31 33.55
C MET C 94 3.23 24.59 34.11
N ASP C 95 4.35 25.04 33.54
CA ASP C 95 4.98 26.28 33.96
C ASP C 95 4.01 27.45 33.88
N ALA C 96 3.14 27.44 32.88
CA ALA C 96 2.18 28.51 32.71
C ALA C 96 1.09 28.42 33.77
N SER C 97 1.01 27.27 34.43
CA SER C 97 -0.02 27.03 35.44
C SER C 97 0.53 26.96 36.86
N ALA C 98 1.81 27.26 37.04
CA ALA C 98 2.45 27.16 38.35
C ALA C 98 1.79 28.07 39.39
N LEU C 99 1.14 29.14 38.93
CA LEU C 99 0.44 30.04 39.84
C LEU C 99 -0.95 29.50 40.22
N THR C 100 -1.88 29.51 39.26
CA THR C 100 -3.24 29.03 39.53
C THR C 100 -3.29 27.53 39.84
N GLY C 101 -2.52 26.73 39.11
CA GLY C 101 -2.58 25.29 39.23
C GLY C 101 -3.46 24.69 38.15
N ILE C 102 -3.33 23.38 37.93
CA ILE C 102 -4.13 22.69 36.92
C ILE C 102 -5.36 22.04 37.54
N PRO C 103 -6.55 22.46 37.08
CA PRO C 103 -7.80 21.90 37.58
C PRO C 103 -7.75 20.38 37.61
N LEU C 104 -8.18 19.78 38.72
CA LEU C 104 -8.19 18.33 38.86
C LEU C 104 -8.88 17.61 37.69
N PRO C 105 -10.03 18.13 37.22
CA PRO C 105 -10.73 17.48 36.12
C PRO C 105 -9.85 17.39 34.88
N LEU C 106 -9.08 18.43 34.62
CA LEU C 106 -8.15 18.43 33.50
C LEU C 106 -7.05 17.41 33.75
N ILE C 107 -6.57 17.37 34.99
CA ILE C 107 -5.56 16.39 35.37
C ILE C 107 -6.08 14.97 35.16
N LYS C 108 -7.32 14.74 35.60
CA LYS C 108 -7.96 13.45 35.39
C LYS C 108 -8.04 13.18 33.89
N SER C 109 -8.59 14.13 33.14
CA SER C 109 -8.68 14.00 31.70
C SER C 109 -7.34 13.58 31.10
N TYR C 110 -6.32 14.40 31.30
CA TYR C 110 -5.01 14.16 30.72
C TYR C 110 -4.43 12.81 31.12
N LEU C 111 -4.47 12.50 32.40
CA LEU C 111 -3.85 11.27 32.88
C LEU C 111 -4.54 10.05 32.29
N PHE C 112 -5.84 10.18 32.07
CA PHE C 112 -6.64 9.14 31.47
C PHE C 112 -6.17 8.89 30.04
N GLN C 113 -6.22 9.93 29.22
CA GLN C 113 -5.83 9.85 27.81
C GLN C 113 -4.43 9.29 27.67
N LEU C 114 -3.54 9.70 28.57
CA LEU C 114 -2.17 9.22 28.55
C LEU C 114 -2.10 7.72 28.78
N LEU C 115 -2.92 7.21 29.69
CA LEU C 115 -2.97 5.76 29.92
C LEU C 115 -3.53 5.04 28.71
N GLN C 116 -4.51 5.66 28.06
CA GLN C 116 -5.12 5.08 26.86
C GLN C 116 -4.05 4.94 25.79
N GLY C 117 -3.22 5.97 25.67
CA GLY C 117 -2.14 5.96 24.71
C GLY C 117 -1.07 4.97 25.11
N LEU C 118 -0.73 4.96 26.40
CA LEU C 118 0.29 4.04 26.88
C LEU C 118 -0.19 2.61 26.73
N ALA C 119 -1.48 2.42 27.00
CA ALA C 119 -2.06 1.09 26.92
C ALA C 119 -1.98 0.59 25.49
N PHE C 120 -2.27 1.48 24.56
CA PHE C 120 -2.21 1.12 23.15
C PHE C 120 -0.79 0.74 22.78
N CYS C 121 0.17 1.41 23.40
CA CYS C 121 1.58 1.12 23.17
C CYS C 121 1.94 -0.31 23.60
N HIS C 122 1.73 -0.60 24.88
CA HIS C 122 2.09 -1.90 25.44
C HIS C 122 1.30 -3.04 24.81
N SER C 123 0.08 -2.75 24.37
CA SER C 123 -0.73 -3.72 23.64
C SER C 123 -0.04 -4.07 22.32
N HIS C 124 0.87 -3.21 21.87
CA HIS C 124 1.57 -3.44 20.62
C HIS C 124 3.07 -3.62 20.83
N ARG C 125 3.42 -4.27 21.93
CA ARG C 125 4.80 -4.57 22.26
C ARG C 125 5.73 -3.39 22.04
N VAL C 126 5.31 -2.21 22.49
CA VAL C 126 6.14 -1.03 22.40
C VAL C 126 6.37 -0.35 23.75
N LEU C 127 7.65 -0.30 24.17
CA LEU C 127 8.05 0.48 25.33
C LEU C 127 8.42 1.88 24.89
N HIS C 128 7.94 2.89 25.61
CA HIS C 128 8.29 4.26 25.26
C HIS C 128 9.68 4.61 25.77
N ARG C 129 9.90 4.36 27.06
CA ARG C 129 11.18 4.53 27.73
C ARG C 129 11.67 5.97 27.85
N ASP C 130 10.79 6.94 27.67
CA ASP C 130 11.20 8.33 27.83
C ASP C 130 9.99 9.20 28.13
N LEU C 131 9.07 8.68 28.92
CA LEU C 131 7.89 9.43 29.30
C LEU C 131 8.26 10.56 30.26
N LYS C 132 7.77 11.75 29.97
CA LYS C 132 8.12 12.95 30.72
C LYS C 132 7.45 14.14 30.02
N PRO C 133 7.18 15.21 30.77
CA PRO C 133 6.28 16.28 30.29
C PRO C 133 6.78 17.05 29.07
N GLN C 134 8.03 16.86 28.68
CA GLN C 134 8.56 17.55 27.51
C GLN C 134 8.30 16.72 26.25
N ASN C 135 7.74 15.54 26.48
CA ASN C 135 7.44 14.61 25.40
C ASN C 135 5.94 14.36 25.30
N LEU C 136 5.18 15.22 25.94
CA LEU C 136 3.72 15.12 25.90
C LEU C 136 3.13 16.39 25.31
N LEU C 137 2.31 16.23 24.29
CA LEU C 137 1.78 17.36 23.56
C LEU C 137 0.28 17.49 23.75
N ILE C 138 -0.16 18.74 23.93
CA ILE C 138 -1.57 19.02 24.14
C ILE C 138 -2.05 19.97 23.06
N ASN C 139 -3.36 20.03 22.85
CA ASN C 139 -3.93 20.99 21.91
C ASN C 139 -4.95 21.88 22.62
N THR C 140 -5.63 22.72 21.87
CA THR C 140 -6.56 23.67 22.45
C THR C 140 -7.96 23.09 22.64
N GLU C 141 -8.10 21.79 22.43
CA GLU C 141 -9.41 21.17 22.56
C GLU C 141 -9.50 20.22 23.76
N GLY C 142 -8.38 20.00 24.44
CA GLY C 142 -8.39 19.19 25.65
C GLY C 142 -7.74 17.82 25.50
N ALA C 143 -7.10 17.60 24.36
CA ALA C 143 -6.42 16.35 24.10
C ALA C 143 -4.95 16.42 24.53
N ILE C 144 -4.35 15.26 24.75
CA ILE C 144 -2.92 15.18 25.03
C ILE C 144 -2.39 13.91 24.40
N LYS C 145 -1.16 13.97 23.86
CA LYS C 145 -0.62 12.85 23.12
C LYS C 145 0.82 12.54 23.50
N LEU C 146 1.14 11.25 23.56
CA LEU C 146 2.52 10.80 23.66
C LEU C 146 3.29 11.24 22.41
N ALA C 147 4.54 11.67 22.60
CA ALA C 147 5.39 12.08 21.47
C ALA C 147 6.84 11.70 21.73
N ASP C 148 7.67 11.93 20.72
CA ASP C 148 9.11 11.65 20.77
C ASP C 148 9.43 10.18 21.07
N PHE C 149 9.34 9.35 20.03
CA PHE C 149 9.61 7.92 20.16
C PHE C 149 11.05 7.59 19.81
N GLY C 150 11.92 8.58 19.95
CA GLY C 150 13.35 8.37 19.78
C GLY C 150 13.91 7.24 20.62
N LEU C 151 13.39 7.08 21.84
CA LEU C 151 13.94 6.09 22.77
C LEU C 151 13.07 4.85 22.94
N ALA C 152 12.07 4.72 22.08
CA ALA C 152 11.14 3.61 22.19
C ALA C 152 11.77 2.30 21.74
N ARG C 153 11.12 1.18 22.06
CA ARG C 153 11.65 -0.11 21.65
C ARG C 153 10.58 -1.18 21.47
N ALA C 154 10.81 -2.07 20.51
CA ALA C 154 9.96 -3.22 20.33
C ALA C 154 10.44 -4.33 21.27
N PHE C 155 9.58 -4.75 22.20
CA PHE C 155 9.99 -5.80 23.14
C PHE C 155 9.39 -7.17 22.80
N GLY C 156 9.96 -8.22 23.35
CA GLY C 156 9.50 -9.57 23.11
C GLY C 156 8.84 -10.16 24.34
N VAL C 157 8.25 -11.34 24.19
CA VAL C 157 7.60 -12.03 25.31
C VAL C 157 8.20 -13.42 25.55
N PRO C 158 8.88 -13.61 26.69
CA PRO C 158 9.10 -12.59 27.72
C PRO C 158 10.15 -11.58 27.27
N VAL C 159 10.28 -10.47 27.97
CA VAL C 159 11.24 -9.44 27.56
C VAL C 159 12.66 -9.99 27.61
N ARG C 160 13.55 -9.34 26.86
CA ARG C 160 14.98 -9.65 26.91
C ARG C 160 15.70 -8.58 27.72
N THR C 161 17.02 -8.63 27.69
CA THR C 161 17.85 -7.59 28.27
C THR C 161 17.99 -6.45 27.26
N TYR C 162 17.54 -5.25 27.65
CA TYR C 162 17.55 -4.10 26.75
C TYR C 162 18.49 -3.01 27.27
N TPO C 163 18.73 -1.99 26.45
CA TPO C 163 19.62 -0.84 26.86
CB TPO C 163 19.35 0.34 25.93
CG2 TPO C 163 20.12 1.59 26.32
OG1 TPO C 163 19.67 -0.04 24.58
P TPO C 163 18.45 -0.16 23.55
O1P TPO C 163 19.06 -0.84 22.34
O2P TPO C 163 17.41 -0.99 24.26
O3P TPO C 163 18.05 1.28 23.36
C TPO C 163 19.39 -0.36 28.25
O TPO C 163 18.26 -0.01 28.60
N HIS C 164 20.43 -0.30 29.07
CA HIS C 164 20.25 0.12 30.46
C HIS C 164 20.14 1.64 30.62
N GLU C 165 20.84 2.39 29.79
CA GLU C 165 20.71 3.84 29.82
C GLU C 165 19.38 4.24 29.20
N VAL C 166 18.32 4.27 29.99
CA VAL C 166 17.01 4.65 29.47
C VAL C 166 16.17 5.44 30.47
N VAL C 167 15.28 6.27 29.92
CA VAL C 167 14.40 7.11 30.71
C VAL C 167 15.15 8.24 31.41
N THR C 168 14.62 9.45 31.28
CA THR C 168 15.24 10.63 31.88
C THR C 168 15.24 10.48 33.40
N LEU C 169 16.44 10.39 33.97
CA LEU C 169 16.64 10.21 35.41
C LEU C 169 15.40 10.40 36.30
N TRP C 170 14.96 11.66 36.48
CA TRP C 170 13.83 12.00 37.36
C TRP C 170 12.64 11.05 37.25
N TYR C 171 12.49 10.42 36.08
CA TYR C 171 11.29 9.65 35.77
C TYR C 171 11.63 8.17 35.59
N ARG C 172 12.81 7.78 36.09
CA ARG C 172 13.33 6.44 35.92
C ARG C 172 12.90 5.55 37.08
N ALA C 173 12.41 4.35 36.75
CA ALA C 173 11.97 3.39 37.76
C ALA C 173 13.13 2.74 38.53
N PRO C 174 12.85 2.20 39.72
CA PRO C 174 13.92 1.66 40.57
C PRO C 174 14.61 0.46 39.93
N GLU C 175 13.85 -0.38 39.23
CA GLU C 175 14.42 -1.58 38.63
C GLU C 175 15.54 -1.28 37.62
N ILE C 176 15.57 -0.07 37.07
CA ILE C 176 16.67 0.35 36.21
C ILE C 176 17.81 0.90 37.07
N LEU C 177 17.50 1.85 37.93
CA LEU C 177 18.47 2.41 38.87
C LEU C 177 19.23 1.32 39.65
N LEU C 178 18.67 0.11 39.66
CA LEU C 178 19.25 -0.99 40.42
C LEU C 178 19.92 -2.03 39.54
N GLY C 179 19.82 -1.84 38.22
CA GLY C 179 20.51 -2.70 37.29
C GLY C 179 19.84 -4.02 36.96
N CYS C 180 18.53 -4.13 37.18
CA CYS C 180 17.79 -5.32 36.75
C CYS C 180 17.96 -5.56 35.26
N LYS C 181 18.36 -6.77 34.88
CA LYS C 181 18.63 -7.08 33.49
C LYS C 181 17.38 -7.47 32.70
N TYR C 182 16.21 -7.24 33.31
CA TYR C 182 14.94 -7.58 32.67
C TYR C 182 13.81 -6.61 33.05
N TYR C 183 13.95 -5.33 32.71
CA TYR C 183 12.87 -4.37 32.92
C TYR C 183 11.83 -4.50 31.80
N SER C 184 10.65 -3.92 32.01
CA SER C 184 9.52 -4.12 31.12
C SER C 184 8.56 -2.93 31.14
N THR C 185 7.31 -3.20 30.77
CA THR C 185 6.30 -2.15 30.65
C THR C 185 6.11 -1.34 31.92
N ALA C 186 6.53 -1.92 33.05
CA ALA C 186 6.37 -1.27 34.34
C ALA C 186 7.06 0.10 34.39
N VAL C 187 8.22 0.20 33.73
CA VAL C 187 9.00 1.43 33.78
C VAL C 187 8.24 2.63 33.26
N ASP C 188 7.42 2.41 32.23
CA ASP C 188 6.60 3.49 31.65
C ASP C 188 5.53 3.94 32.62
N ILE C 189 4.86 2.98 33.24
CA ILE C 189 3.88 3.31 34.25
C ILE C 189 4.53 4.18 35.30
N TRP C 190 5.71 3.76 35.76
CA TRP C 190 6.43 4.55 36.75
C TRP C 190 6.53 6.02 36.32
N SER C 191 6.93 6.25 35.07
CA SER C 191 7.08 7.61 34.57
C SER C 191 5.77 8.37 34.69
N LEU C 192 4.69 7.79 34.20
CA LEU C 192 3.36 8.40 34.30
C LEU C 192 3.05 8.74 35.75
N GLY C 193 3.37 7.82 36.65
CA GLY C 193 3.19 8.04 38.07
C GLY C 193 3.79 9.37 38.53
N CYS C 194 5.08 9.56 38.25
CA CYS C 194 5.75 10.79 38.67
C CYS C 194 5.12 12.00 38.01
N ILE C 195 4.60 11.82 36.80
CA ILE C 195 4.04 12.92 36.02
C ILE C 195 2.67 13.30 36.56
N PHE C 196 1.88 12.28 36.89
CA PHE C 196 0.63 12.48 37.59
C PHE C 196 0.89 13.29 38.86
N ALA C 197 1.90 12.88 39.62
CA ALA C 197 2.18 13.55 40.89
C ALA C 197 2.68 14.97 40.63
N GLU C 198 3.37 15.17 39.52
CA GLU C 198 3.91 16.49 39.20
C GLU C 198 2.83 17.45 38.70
N MET C 199 1.80 16.90 38.07
CA MET C 199 0.69 17.72 37.58
C MET C 199 -0.04 18.39 38.75
N VAL C 200 -0.16 17.65 39.85
CA VAL C 200 -0.84 18.18 41.03
C VAL C 200 0.04 19.13 41.85
N THR C 201 1.27 18.69 42.15
CA THR C 201 2.14 19.43 43.06
C THR C 201 2.94 20.55 42.41
N ARG C 202 3.02 20.53 41.08
CA ARG C 202 3.79 21.51 40.33
C ARG C 202 5.29 21.41 40.58
N ARG C 203 5.75 20.20 40.92
CA ARG C 203 7.17 19.93 41.10
C ARG C 203 7.46 18.44 40.97
N ALA C 204 8.57 18.12 40.32
CA ALA C 204 8.98 16.73 40.15
C ALA C 204 8.99 15.96 41.47
N LEU C 205 8.43 14.75 41.43
CA LEU C 205 8.32 13.89 42.61
C LEU C 205 9.67 13.41 43.13
N PHE C 206 10.63 13.21 42.22
CA PHE C 206 11.98 12.82 42.59
C PHE C 206 13.03 13.54 41.75
N PRO C 207 13.21 14.85 41.97
CA PRO C 207 14.22 15.63 41.22
C PRO C 207 15.65 15.20 41.54
N GLY C 208 16.01 13.96 41.20
CA GLY C 208 17.31 13.41 41.55
C GLY C 208 18.51 14.03 40.86
N ASP C 209 19.61 14.12 41.61
CA ASP C 209 20.82 14.80 41.15
C ASP C 209 21.90 13.83 40.70
N SER C 210 21.65 12.54 40.89
CA SER C 210 22.56 11.51 40.43
C SER C 210 21.88 10.15 40.55
N GLU C 211 22.47 9.14 39.91
CA GLU C 211 21.93 7.79 39.97
C GLU C 211 21.69 7.30 41.40
N ILE C 212 22.52 7.75 42.33
CA ILE C 212 22.35 7.36 43.73
C ILE C 212 21.44 8.34 44.49
N ASP C 213 21.48 9.62 44.14
CA ASP C 213 20.59 10.59 44.75
C ASP C 213 19.16 10.25 44.39
N GLN C 214 18.92 10.07 43.10
CA GLN C 214 17.61 9.69 42.60
C GLN C 214 17.08 8.47 43.34
N LEU C 215 17.91 7.42 43.38
CA LEU C 215 17.50 6.15 43.99
C LEU C 215 17.15 6.33 45.46
N PHE C 216 17.86 7.23 46.15
CA PHE C 216 17.58 7.50 47.55
C PHE C 216 16.42 8.49 47.71
N ARG C 217 16.25 9.37 46.72
CA ARG C 217 15.08 10.23 46.67
C ARG C 217 13.79 9.40 46.80
N ILE C 218 13.78 8.26 46.11
CA ILE C 218 12.64 7.34 46.10
C ILE C 218 12.46 6.64 47.47
N PHE C 219 13.57 6.17 48.04
CA PHE C 219 13.54 5.48 49.33
C PHE C 219 13.03 6.38 50.45
N ARG C 220 13.28 7.69 50.32
CA ARG C 220 12.92 8.63 51.38
C ARG C 220 11.44 9.06 51.31
N THR C 221 10.69 8.45 50.40
CA THR C 221 9.28 8.81 50.18
C THR C 221 8.39 7.56 50.18
N LEU C 222 8.91 6.48 49.61
CA LEU C 222 8.19 5.22 49.55
C LEU C 222 8.70 4.28 50.63
N GLY C 223 9.81 4.65 51.26
CA GLY C 223 10.48 3.78 52.20
C GLY C 223 11.36 2.80 51.45
N THR C 224 12.36 2.26 52.13
CA THR C 224 13.30 1.36 51.47
C THR C 224 12.69 -0.01 51.19
N PRO C 225 12.79 -0.47 49.93
CA PRO C 225 12.27 -1.77 49.53
C PRO C 225 12.99 -2.91 50.24
N ASP C 226 12.21 -3.82 50.82
CA ASP C 226 12.79 -5.01 51.43
C ASP C 226 12.36 -6.26 50.66
N GLU C 227 12.92 -7.40 51.03
CA GLU C 227 12.60 -8.66 50.36
C GLU C 227 11.13 -9.04 50.49
N VAL C 228 10.46 -8.50 51.51
CA VAL C 228 9.03 -8.74 51.68
C VAL C 228 8.20 -7.88 50.72
N VAL C 229 8.61 -6.62 50.57
CA VAL C 229 7.97 -5.68 49.65
C VAL C 229 8.32 -6.01 48.21
N TRP C 230 9.59 -6.32 48.00
CA TRP C 230 10.11 -6.55 46.67
C TRP C 230 11.04 -7.76 46.66
N PRO C 231 10.46 -8.96 46.47
CA PRO C 231 11.22 -10.22 46.46
C PRO C 231 12.17 -10.33 45.28
N GLY C 232 13.46 -10.46 45.57
CA GLY C 232 14.47 -10.55 44.53
C GLY C 232 15.29 -9.27 44.44
N VAL C 233 14.96 -8.29 45.27
CA VAL C 233 15.66 -7.00 45.24
C VAL C 233 17.14 -7.13 45.61
N THR C 234 17.43 -7.94 46.62
CA THR C 234 18.81 -8.14 47.07
C THR C 234 19.64 -8.82 45.97
N SER C 235 18.97 -9.70 45.21
CA SER C 235 19.63 -10.43 44.14
C SER C 235 20.02 -9.51 42.99
N MET C 236 19.38 -8.34 42.91
CA MET C 236 19.66 -7.37 41.86
C MET C 236 21.16 -7.11 41.72
N PRO C 237 21.61 -6.89 40.48
CA PRO C 237 23.01 -6.61 40.12
C PRO C 237 23.64 -5.40 40.84
N ASP C 238 22.83 -4.40 41.20
CA ASP C 238 23.36 -3.21 41.86
C ASP C 238 22.74 -2.94 43.23
N TYR C 239 22.26 -4.00 43.88
CA TYR C 239 21.76 -3.90 45.25
C TYR C 239 22.91 -3.93 46.25
N LYS C 240 22.88 -3.03 47.22
CA LYS C 240 23.93 -2.94 48.23
C LYS C 240 23.36 -2.96 49.64
N PRO C 241 23.87 -3.87 50.49
CA PRO C 241 23.46 -3.98 51.90
C PRO C 241 23.70 -2.69 52.69
N SER C 242 24.60 -1.83 52.19
CA SER C 242 24.93 -0.58 52.88
C SER C 242 23.80 0.47 52.82
N PHE C 243 22.99 0.41 51.76
CA PHE C 243 21.84 1.31 51.59
C PHE C 243 21.11 1.56 52.91
N PRO C 244 20.99 2.84 53.32
CA PRO C 244 20.25 3.16 54.55
C PRO C 244 18.79 2.72 54.45
N LYS C 245 18.28 2.08 55.49
CA LYS C 245 16.89 1.64 55.50
C LYS C 245 15.98 2.73 56.02
N TRP C 246 15.21 3.33 55.12
CA TRP C 246 14.30 4.41 55.46
C TRP C 246 12.87 3.90 55.44
N ALA C 247 12.12 4.20 56.51
CA ALA C 247 10.72 3.80 56.60
C ALA C 247 9.89 4.60 55.62
N ARG C 248 8.73 4.05 55.27
CA ARG C 248 7.82 4.68 54.32
C ARG C 248 7.01 5.77 55.02
N GLN C 249 6.65 6.82 54.28
CA GLN C 249 5.88 7.91 54.85
C GLN C 249 4.45 7.93 54.31
N ASP C 250 3.55 8.51 55.09
CA ASP C 250 2.14 8.60 54.71
C ASP C 250 2.02 9.16 53.30
N PHE C 251 0.93 8.81 52.62
CA PHE C 251 0.74 9.19 51.24
C PHE C 251 0.01 10.52 51.14
N SER C 252 -0.85 10.78 52.12
CA SER C 252 -1.60 12.02 52.20
C SER C 252 -0.64 13.21 52.21
N LYS C 253 0.60 12.97 52.64
CA LYS C 253 1.61 14.02 52.68
C LYS C 253 2.19 14.26 51.28
N VAL C 254 2.63 13.18 50.63
CA VAL C 254 3.20 13.27 49.29
C VAL C 254 2.33 14.10 48.36
N VAL C 255 1.13 13.61 48.07
CA VAL C 255 0.19 14.38 47.27
C VAL C 255 -1.09 14.63 48.04
N PRO C 256 -1.15 15.76 48.74
CA PRO C 256 -2.30 16.12 49.58
C PRO C 256 -3.57 16.42 48.79
N PRO C 257 -3.53 17.38 47.86
CA PRO C 257 -4.76 17.80 47.17
C PRO C 257 -5.48 16.64 46.49
N LEU C 258 -4.79 15.52 46.33
CA LEU C 258 -5.38 14.33 45.72
C LEU C 258 -6.42 13.73 46.65
N ASP C 259 -7.61 13.49 46.10
CA ASP C 259 -8.70 12.89 46.87
C ASP C 259 -8.30 11.52 47.41
N GLU C 260 -9.26 10.83 48.00
CA GLU C 260 -9.05 9.48 48.50
C GLU C 260 -8.63 8.55 47.36
N ASP C 261 -9.43 8.53 46.29
CA ASP C 261 -9.14 7.68 45.13
C ASP C 261 -7.77 7.97 44.55
N GLY C 262 -7.53 9.23 44.20
CA GLY C 262 -6.26 9.65 43.64
C GLY C 262 -5.08 8.93 44.25
N ARG C 263 -4.91 9.10 45.55
CA ARG C 263 -3.78 8.49 46.26
C ARG C 263 -3.66 7.00 45.96
N SER C 264 -4.80 6.30 45.97
CA SER C 264 -4.81 4.87 45.70
C SER C 264 -4.14 4.53 44.37
N LEU C 265 -4.63 5.15 43.30
CA LEU C 265 -4.09 4.93 41.97
C LEU C 265 -2.61 5.25 41.95
N LEU C 266 -2.30 6.46 42.39
CA LEU C 266 -0.93 6.95 42.43
C LEU C 266 0.01 6.00 43.16
N SER C 267 -0.51 5.26 44.14
CA SER C 267 0.30 4.36 44.94
C SER C 267 0.63 3.06 44.21
N GLN C 268 -0.28 2.62 43.35
CA GLN C 268 -0.08 1.38 42.60
C GLN C 268 0.83 1.59 41.39
N MET C 269 0.82 2.80 40.85
CA MET C 269 1.72 3.15 39.76
C MET C 269 3.14 3.22 40.29
N LEU C 270 3.26 3.43 41.60
CA LEU C 270 4.58 3.64 42.23
C LEU C 270 5.03 2.45 43.05
N HIS C 271 4.32 1.33 42.92
CA HIS C 271 4.69 0.09 43.57
C HIS C 271 6.05 -0.41 43.11
N TYR C 272 6.96 -0.64 44.06
CA TYR C 272 8.30 -1.12 43.76
C TYR C 272 8.35 -2.32 42.80
N ASP C 273 7.66 -3.40 43.16
CA ASP C 273 7.74 -4.65 42.42
C ASP C 273 7.08 -4.56 41.03
N PRO C 274 7.89 -4.58 39.97
CA PRO C 274 7.41 -4.35 38.61
C PRO C 274 6.16 -5.18 38.31
N ASN C 275 6.11 -6.38 38.87
CA ASN C 275 4.99 -7.27 38.62
C ASN C 275 3.75 -6.92 39.42
N LYS C 276 3.93 -6.09 40.46
CA LYS C 276 2.79 -5.62 41.24
C LYS C 276 2.38 -4.21 40.81
N ARG C 277 3.32 -3.48 40.23
CA ARG C 277 3.01 -2.17 39.70
C ARG C 277 1.82 -2.27 38.75
N ILE C 278 0.87 -1.34 38.90
CA ILE C 278 -0.36 -1.37 38.11
C ILE C 278 -0.04 -1.15 36.63
N SER C 279 -0.78 -1.84 35.75
CA SER C 279 -0.61 -1.65 34.32
C SER C 279 -1.55 -0.56 33.82
N ALA C 280 -1.25 -0.03 32.64
CA ALA C 280 -2.05 1.04 32.05
C ALA C 280 -3.50 0.59 31.83
N LYS C 281 -3.67 -0.61 31.29
CA LYS C 281 -4.99 -1.19 31.07
C LYS C 281 -5.78 -1.19 32.38
N ALA C 282 -5.19 -1.77 33.41
CA ALA C 282 -5.83 -1.84 34.72
C ALA C 282 -6.16 -0.45 35.25
N ALA C 283 -5.21 0.47 35.12
CA ALA C 283 -5.35 1.80 35.71
C ALA C 283 -6.57 2.53 35.18
N LEU C 284 -6.98 2.19 33.95
CA LEU C 284 -8.09 2.86 33.30
C LEU C 284 -9.43 2.54 33.97
N ALA C 285 -9.53 1.38 34.57
CA ALA C 285 -10.76 0.96 35.23
C ALA C 285 -10.84 1.50 36.65
N HIS C 286 -9.72 2.01 37.16
CA HIS C 286 -9.68 2.54 38.51
C HIS C 286 -10.80 3.55 38.76
N PRO C 287 -11.37 3.53 39.97
CA PRO C 287 -12.48 4.39 40.40
C PRO C 287 -12.24 5.87 40.13
N PHE C 288 -10.99 6.30 40.25
CA PHE C 288 -10.64 7.69 40.08
C PHE C 288 -11.17 8.23 38.74
N PHE C 289 -11.43 7.33 37.80
CA PHE C 289 -11.81 7.72 36.44
C PHE C 289 -13.30 7.55 36.15
N GLN C 290 -14.09 7.19 37.14
CA GLN C 290 -15.51 6.93 36.93
C GLN C 290 -16.26 8.17 36.44
N ASP C 291 -15.88 9.34 36.93
CA ASP C 291 -16.55 10.58 36.56
C ASP C 291 -15.76 11.41 35.55
N VAL C 292 -14.76 10.79 34.92
CA VAL C 292 -13.83 11.51 34.05
C VAL C 292 -14.52 12.36 32.98
N THR C 293 -13.92 13.51 32.67
CA THR C 293 -14.44 14.44 31.66
C THR C 293 -13.38 14.79 30.61
N LYS C 294 -13.64 15.83 29.83
CA LYS C 294 -12.67 16.33 28.85
C LYS C 294 -12.76 17.85 28.71
N PRO C 295 -12.20 18.58 29.68
CA PRO C 295 -12.19 20.04 29.71
C PRO C 295 -11.20 20.65 28.73
N VAL C 296 -11.36 21.95 28.45
CA VAL C 296 -10.47 22.69 27.57
C VAL C 296 -9.50 23.52 28.40
N PRO C 297 -8.20 23.42 28.11
CA PRO C 297 -7.16 24.15 28.86
C PRO C 297 -7.47 25.64 28.96
N PRO D 6 1.82 -8.68 32.01
CA PRO D 6 1.31 -10.04 31.72
C PRO D 6 -0.07 -10.00 31.08
N ASP D 7 -0.78 -8.88 31.24
CA ASP D 7 -2.12 -8.73 30.65
C ASP D 7 -2.04 -8.21 29.22
N TYR D 8 -0.84 -8.17 28.67
CA TYR D 8 -0.65 -7.84 27.25
C TYR D 8 -0.17 -9.07 26.49
N HIS D 9 0.14 -10.13 27.24
CA HIS D 9 0.52 -11.41 26.66
C HIS D 9 -0.38 -11.76 25.49
N GLU D 10 -1.69 -11.74 25.73
CA GLU D 10 -2.66 -12.11 24.70
C GLU D 10 -2.85 -11.01 23.66
N ASP D 11 -2.95 -9.77 24.11
CA ASP D 11 -3.10 -8.64 23.19
C ASP D 11 -1.98 -8.62 22.15
N ILE D 12 -0.77 -8.97 22.61
CA ILE D 12 0.42 -8.94 21.77
C ILE D 12 0.45 -10.10 20.78
N HIS D 13 0.09 -11.30 21.25
CA HIS D 13 0.04 -12.48 20.41
C HIS D 13 -0.95 -12.24 19.26
N THR D 14 -2.08 -11.67 19.61
CA THR D 14 -3.12 -11.42 18.62
C THR D 14 -2.56 -10.49 17.57
N TYR D 15 -2.00 -9.39 18.03
CA TYR D 15 -1.42 -8.39 17.14
C TYR D 15 -0.33 -9.01 16.26
N LEU D 16 0.60 -9.73 16.90
CA LEU D 16 1.64 -10.41 16.14
C LEU D 16 1.05 -11.33 15.08
N ARG D 17 0.02 -12.08 15.44
CA ARG D 17 -0.63 -12.99 14.48
C ARG D 17 -1.19 -12.21 13.29
N GLU D 18 -1.60 -10.98 13.57
CA GLU D 18 -2.10 -10.10 12.53
C GLU D 18 -0.95 -9.66 11.62
N MET D 19 0.09 -9.10 12.24
CA MET D 19 1.22 -8.55 11.49
C MET D 19 2.00 -9.58 10.68
N GLU D 20 2.12 -10.80 11.21
CA GLU D 20 2.88 -11.84 10.52
C GLU D 20 2.27 -12.12 9.16
N VAL D 21 1.02 -11.75 8.99
CA VAL D 21 0.36 -11.88 7.70
C VAL D 21 0.74 -10.73 6.75
N LYS D 22 0.86 -9.52 7.29
CA LYS D 22 1.21 -8.36 6.47
C LYS D 22 2.71 -8.27 6.19
N CYS D 23 3.48 -9.06 6.91
CA CYS D 23 4.94 -9.04 6.75
C CYS D 23 5.42 -10.19 5.88
N LYS D 24 4.52 -11.12 5.59
CA LYS D 24 4.90 -12.29 4.81
C LYS D 24 5.49 -11.88 3.48
N PRO D 25 6.68 -12.41 3.16
CA PRO D 25 7.30 -12.28 1.84
C PRO D 25 6.49 -13.05 0.81
N LYS D 26 6.59 -12.66 -0.46
CA LYS D 26 6.02 -13.43 -1.57
C LYS D 26 6.56 -14.86 -1.57
N VAL D 27 5.67 -15.84 -1.61
CA VAL D 27 6.09 -17.21 -1.43
C VAL D 27 7.03 -17.72 -2.53
N GLY D 28 6.78 -17.32 -3.78
CA GLY D 28 7.58 -17.84 -4.88
C GLY D 28 8.46 -16.83 -5.59
N TYR D 29 8.96 -15.84 -4.86
CA TYR D 29 9.65 -14.72 -5.50
C TYR D 29 10.93 -15.17 -6.23
N MET D 30 11.45 -16.33 -5.85
CA MET D 30 12.72 -16.78 -6.42
C MET D 30 12.60 -17.24 -7.87
N LYS D 31 11.40 -17.70 -8.24
CA LYS D 31 11.12 -18.05 -9.63
C LYS D 31 11.18 -16.79 -10.48
N LYS D 32 10.84 -15.66 -9.88
CA LYS D 32 10.86 -14.37 -10.57
C LYS D 32 12.19 -13.63 -10.42
N GLN D 33 13.09 -14.17 -9.61
CA GLN D 33 14.46 -13.68 -9.58
C GLN D 33 15.24 -14.41 -10.67
N PRO D 34 15.67 -13.68 -11.70
CA PRO D 34 16.33 -14.23 -12.89
C PRO D 34 17.72 -14.78 -12.62
N ASP D 35 18.44 -14.17 -11.68
CA ASP D 35 19.86 -14.45 -11.51
C ASP D 35 20.17 -15.13 -10.18
N ILE D 36 19.17 -15.29 -9.32
CA ILE D 36 19.41 -15.88 -8.01
C ILE D 36 18.49 -17.07 -7.69
N THR D 37 18.92 -17.91 -6.76
CA THR D 37 18.19 -19.14 -6.41
C THR D 37 18.08 -19.35 -4.90
N ASN D 38 17.25 -20.32 -4.50
CA ASN D 38 17.17 -20.69 -3.10
C ASN D 38 18.49 -21.21 -2.58
N SER D 39 19.26 -21.79 -3.50
CA SER D 39 20.57 -22.34 -3.20
C SER D 39 21.54 -21.21 -2.86
N MET D 40 21.48 -20.14 -3.63
CA MET D 40 22.30 -18.95 -3.36
C MET D 40 21.82 -18.22 -2.12
N ARG D 41 20.51 -18.21 -1.92
CA ARG D 41 19.90 -17.64 -0.73
C ARG D 41 20.34 -18.40 0.55
N ALA D 42 20.47 -19.73 0.45
CA ALA D 42 20.88 -20.54 1.60
C ALA D 42 22.32 -20.25 1.99
N ILE D 43 23.16 -20.05 0.99
CA ILE D 43 24.54 -19.68 1.24
C ILE D 43 24.59 -18.36 2.01
N LEU D 44 23.79 -17.38 1.57
CA LEU D 44 23.76 -16.07 2.22
C LEU D 44 23.30 -16.17 3.68
N VAL D 45 22.16 -16.83 3.89
CA VAL D 45 21.65 -16.97 5.25
C VAL D 45 22.67 -17.67 6.13
N ASP D 46 23.26 -18.74 5.60
CA ASP D 46 24.26 -19.48 6.35
C ASP D 46 25.39 -18.54 6.74
N TRP D 47 25.82 -17.71 5.81
CA TRP D 47 26.83 -16.70 6.09
C TRP D 47 26.36 -15.72 7.17
N LEU D 48 25.11 -15.28 7.08
CA LEU D 48 24.56 -14.39 8.09
C LEU D 48 24.56 -15.05 9.46
N VAL D 49 24.43 -16.38 9.45
CA VAL D 49 24.58 -17.17 10.66
C VAL D 49 25.97 -16.96 11.28
N GLU D 50 27.00 -17.22 10.49
CA GLU D 50 28.37 -17.03 10.93
C GLU D 50 28.60 -15.63 11.50
N VAL D 51 28.07 -14.62 10.82
CA VAL D 51 28.24 -13.24 11.26
C VAL D 51 27.60 -12.99 12.62
N GLY D 52 26.40 -13.52 12.82
CA GLY D 52 25.74 -13.42 14.10
C GLY D 52 26.66 -13.89 15.22
N GLU D 53 27.32 -15.03 14.99
CA GLU D 53 28.27 -15.55 15.98
C GLU D 53 29.44 -14.60 16.21
N GLU D 54 30.22 -14.35 15.16
CA GLU D 54 31.39 -13.49 15.27
C GLU D 54 31.14 -12.23 16.08
N TYR D 55 29.95 -11.64 15.96
CA TYR D 55 29.68 -10.39 16.64
C TYR D 55 28.77 -10.54 17.86
N LYS D 56 28.40 -11.78 18.15
CA LYS D 56 27.65 -12.08 19.36
C LYS D 56 26.33 -11.34 19.34
N LEU D 57 25.66 -11.42 18.20
CA LEU D 57 24.39 -10.75 18.01
C LEU D 57 23.22 -11.65 18.41
N GLN D 58 22.17 -11.04 18.94
CA GLN D 58 20.94 -11.72 19.26
C GLN D 58 20.50 -12.62 18.12
N ASN D 59 19.85 -13.74 18.46
CA ASN D 59 19.30 -14.61 17.43
C ASN D 59 18.14 -13.92 16.72
N GLU D 60 17.44 -13.05 17.45
CA GLU D 60 16.30 -12.33 16.90
C GLU D 60 16.75 -11.49 15.71
N THR D 61 17.85 -10.76 15.90
CA THR D 61 18.47 -9.96 14.86
C THR D 61 18.60 -10.73 13.54
N LEU D 62 19.07 -11.97 13.64
CA LEU D 62 19.23 -12.82 12.46
C LEU D 62 17.91 -13.04 11.73
N HIS D 63 16.88 -13.43 12.49
CA HIS D 63 15.55 -13.65 11.93
C HIS D 63 14.96 -12.41 11.27
N LEU D 64 15.14 -11.25 11.90
CA LEU D 64 14.70 -9.98 11.34
C LEU D 64 15.40 -9.70 10.01
N ALA D 65 16.70 -9.97 9.98
CA ALA D 65 17.48 -9.74 8.78
C ALA D 65 16.97 -10.56 7.62
N VAL D 66 16.73 -11.86 7.87
CA VAL D 66 16.21 -12.74 6.84
C VAL D 66 14.86 -12.26 6.32
N ASN D 67 14.01 -11.79 7.23
CA ASN D 67 12.72 -11.22 6.84
C ASN D 67 12.88 -10.02 5.91
N TYR D 68 13.80 -9.12 6.26
CA TYR D 68 14.07 -7.95 5.45
C TYR D 68 14.50 -8.37 4.06
N ILE D 69 15.37 -9.38 4.02
CA ILE D 69 15.94 -9.88 2.76
C ILE D 69 14.89 -10.50 1.85
N ASP D 70 13.99 -11.28 2.43
CA ASP D 70 12.95 -11.94 1.63
C ASP D 70 11.96 -10.92 1.10
N ARG D 71 11.63 -9.94 1.91
CA ARG D 71 10.70 -8.91 1.48
C ARG D 71 11.30 -8.05 0.36
N PHE D 72 12.55 -7.65 0.54
CA PHE D 72 13.30 -6.88 -0.44
C PHE D 72 13.39 -7.63 -1.79
N LEU D 73 13.75 -8.92 -1.74
CA LEU D 73 13.85 -9.73 -2.94
C LEU D 73 12.48 -10.10 -3.51
N SER D 74 11.44 -9.80 -2.74
CA SER D 74 10.10 -9.98 -3.23
C SER D 74 9.79 -8.93 -4.28
N SER D 75 10.35 -7.73 -4.12
CA SER D 75 9.98 -6.61 -4.99
C SER D 75 11.13 -6.02 -5.78
N MET D 76 12.35 -6.48 -5.53
CA MET D 76 13.51 -5.96 -6.25
C MET D 76 14.33 -7.07 -6.88
N SER D 77 14.57 -6.95 -8.18
CA SER D 77 15.42 -7.88 -8.89
C SER D 77 16.88 -7.61 -8.52
N VAL D 78 17.62 -8.65 -8.16
CA VAL D 78 19.01 -8.50 -7.74
C VAL D 78 19.94 -9.53 -8.36
N LEU D 79 21.10 -9.09 -8.86
CA LEU D 79 22.09 -9.99 -9.44
C LEU D 79 22.89 -10.69 -8.34
N ARG D 80 23.43 -11.86 -8.65
CA ARG D 80 24.12 -12.68 -7.65
C ARG D 80 25.33 -11.95 -7.06
N GLY D 81 25.98 -11.11 -7.85
CA GLY D 81 27.12 -10.36 -7.36
C GLY D 81 26.72 -9.35 -6.29
N LYS D 82 25.44 -9.01 -6.23
CA LYS D 82 24.95 -8.00 -5.30
C LYS D 82 24.14 -8.60 -4.15
N LEU D 83 23.95 -9.91 -4.17
CA LEU D 83 23.12 -10.58 -3.17
C LEU D 83 23.62 -10.32 -1.75
N GLN D 84 24.92 -10.41 -1.58
CA GLN D 84 25.53 -10.24 -0.28
C GLN D 84 25.40 -8.82 0.27
N LEU D 85 25.50 -7.82 -0.62
CA LEU D 85 25.38 -6.43 -0.21
C LEU D 85 24.00 -6.19 0.39
N VAL D 86 23.00 -6.82 -0.18
CA VAL D 86 21.64 -6.75 0.33
C VAL D 86 21.59 -7.45 1.68
N GLY D 87 22.25 -8.60 1.76
CA GLY D 87 22.30 -9.36 2.99
C GLY D 87 22.97 -8.54 4.08
N THR D 88 24.06 -7.87 3.73
CA THR D 88 24.83 -7.11 4.70
C THR D 88 24.07 -5.89 5.21
N ALA D 89 23.44 -5.14 4.31
CA ALA D 89 22.62 -4.01 4.71
C ALA D 89 21.41 -4.46 5.54
N ALA D 90 20.82 -5.59 5.18
CA ALA D 90 19.70 -6.11 5.97
C ALA D 90 20.14 -6.42 7.41
N MET D 91 21.31 -7.01 7.56
CA MET D 91 21.84 -7.34 8.87
C MET D 91 22.12 -6.07 9.68
N LEU D 92 22.71 -5.08 9.03
CA LEU D 92 22.98 -3.79 9.66
C LEU D 92 21.71 -3.19 10.23
N LEU D 93 20.66 -3.17 9.41
CA LEU D 93 19.41 -2.58 9.84
C LEU D 93 18.83 -3.40 11.00
N ALA D 94 18.86 -4.71 10.87
CA ALA D 94 18.37 -5.58 11.93
C ALA D 94 19.04 -5.20 13.25
N SER D 95 20.37 -5.15 13.23
CA SER D 95 21.15 -4.73 14.39
C SER D 95 20.67 -3.40 14.94
N LYS D 96 20.64 -2.38 14.10
CA LYS D 96 20.31 -1.04 14.57
C LYS D 96 18.97 -1.02 15.31
N PHE D 97 18.04 -1.85 14.84
CA PHE D 97 16.70 -1.92 15.41
C PHE D 97 16.69 -2.75 16.70
N GLU D 98 17.36 -3.89 16.67
CA GLU D 98 17.19 -4.92 17.69
C GLU D 98 18.38 -5.10 18.65
N GLU D 99 19.46 -4.35 18.44
CA GLU D 99 20.66 -4.51 19.27
C GLU D 99 20.90 -3.34 20.20
N ILE D 100 21.44 -3.64 21.38
CA ILE D 100 21.81 -2.61 22.35
C ILE D 100 23.07 -1.85 21.88
N TYR D 101 24.12 -2.61 21.60
CA TYR D 101 25.33 -2.07 20.98
C TYR D 101 25.57 -2.81 19.68
N PRO D 102 25.09 -2.24 18.56
CA PRO D 102 25.26 -2.88 17.27
C PRO D 102 26.62 -2.56 16.68
N PRO D 103 27.18 -3.49 15.89
CA PRO D 103 28.44 -3.28 15.20
C PRO D 103 28.37 -2.02 14.34
N GLU D 104 29.49 -1.33 14.22
CA GLU D 104 29.51 -0.15 13.37
C GLU D 104 29.69 -0.56 11.92
N VAL D 105 29.32 0.35 11.03
CA VAL D 105 29.30 0.07 9.60
C VAL D 105 30.61 -0.52 9.09
N ALA D 106 31.73 0.02 9.56
CA ALA D 106 33.04 -0.47 9.16
C ALA D 106 33.13 -1.97 9.32
N GLU D 107 32.68 -2.48 10.47
CA GLU D 107 32.74 -3.91 10.74
C GLU D 107 31.89 -4.72 9.77
N PHE D 108 30.77 -4.14 9.33
CA PHE D 108 29.97 -4.82 8.31
C PHE D 108 30.68 -4.78 6.97
N VAL D 109 31.40 -3.70 6.69
CA VAL D 109 32.23 -3.64 5.50
C VAL D 109 33.34 -4.70 5.54
N TYR D 110 33.91 -4.91 6.72
CA TYR D 110 35.00 -5.86 6.88
C TYR D 110 34.55 -7.27 6.52
N ILE D 111 33.51 -7.74 7.19
CA ILE D 111 33.08 -9.13 7.07
C ILE D 111 32.76 -9.55 5.63
N THR D 112 32.48 -8.57 4.77
CA THR D 112 32.18 -8.87 3.37
C THR D 112 33.46 -9.17 2.61
N ASP D 113 34.56 -9.34 3.34
CA ASP D 113 35.88 -9.63 2.77
C ASP D 113 36.27 -8.64 1.66
N ASP D 114 36.08 -7.36 1.95
CA ASP D 114 36.42 -6.27 1.01
C ASP D 114 35.78 -6.42 -0.38
N THR D 115 34.60 -7.03 -0.44
CA THR D 115 33.90 -7.20 -1.70
C THR D 115 33.24 -5.90 -2.12
N TYR D 116 32.67 -5.20 -1.15
CA TYR D 116 31.97 -3.96 -1.37
C TYR D 116 32.66 -2.84 -0.63
N THR D 117 32.29 -1.60 -0.94
CA THR D 117 32.79 -0.43 -0.23
C THR D 117 31.80 0.01 0.84
N LYS D 118 32.27 0.81 1.79
CA LYS D 118 31.43 1.39 2.82
C LYS D 118 30.27 2.16 2.22
N LYS D 119 30.53 2.81 1.08
CA LYS D 119 29.53 3.66 0.46
C LYS D 119 28.41 2.83 -0.18
N GLN D 120 28.77 1.70 -0.76
CA GLN D 120 27.76 0.83 -1.32
C GLN D 120 26.89 0.32 -0.18
N VAL D 121 27.52 -0.01 0.94
CA VAL D 121 26.79 -0.53 2.08
C VAL D 121 25.87 0.54 2.66
N LEU D 122 26.39 1.74 2.84
CA LEU D 122 25.60 2.84 3.36
C LEU D 122 24.38 3.10 2.49
N ARG D 123 24.59 3.08 1.17
CA ARG D 123 23.52 3.34 0.20
C ARG D 123 22.53 2.19 0.07
N MET D 124 23.02 0.96 0.11
CA MET D 124 22.12 -0.18 0.12
C MET D 124 21.20 -0.15 1.33
N GLU D 125 21.74 0.29 2.48
CA GLU D 125 20.93 0.43 3.67
C GLU D 125 19.75 1.32 3.38
N HIS D 126 20.02 2.48 2.80
CA HIS D 126 18.95 3.44 2.54
C HIS D 126 17.94 2.88 1.54
N LEU D 127 18.43 2.17 0.53
CA LEU D 127 17.53 1.60 -0.46
C LEU D 127 16.67 0.53 0.17
N VAL D 128 17.25 -0.28 1.05
CA VAL D 128 16.46 -1.29 1.76
C VAL D 128 15.38 -0.63 2.62
N LEU D 129 15.70 0.47 3.29
CA LEU D 129 14.68 1.18 4.06
C LEU D 129 13.54 1.66 3.18
N LYS D 130 13.86 2.16 1.99
CA LYS D 130 12.85 2.69 1.10
C LYS D 130 11.94 1.60 0.58
N VAL D 131 12.54 0.52 0.09
CA VAL D 131 11.77 -0.61 -0.40
C VAL D 131 10.86 -1.15 0.69
N LEU D 132 11.42 -1.26 1.90
CA LEU D 132 10.66 -1.80 3.04
C LEU D 132 9.77 -0.74 3.67
N THR D 133 9.89 0.50 3.21
CA THR D 133 8.97 1.55 3.65
C THR D 133 9.13 1.79 5.16
N PHE D 134 10.28 1.43 5.70
CA PHE D 134 10.56 1.63 7.12
C PHE D 134 9.79 0.69 8.03
N ASP D 135 9.06 -0.24 7.45
CA ASP D 135 8.33 -1.21 8.23
C ASP D 135 9.25 -2.35 8.67
N LEU D 136 9.98 -2.15 9.78
CA LEU D 136 10.99 -3.11 10.24
C LEU D 136 10.57 -3.99 11.44
N ALA D 137 9.50 -3.63 12.13
CA ALA D 137 9.06 -4.39 13.30
C ALA D 137 8.29 -5.63 12.89
N ALA D 138 8.99 -6.59 12.31
CA ALA D 138 8.36 -7.81 11.82
C ALA D 138 8.37 -8.91 12.89
N PRO D 139 7.31 -9.69 12.96
CA PRO D 139 7.29 -10.87 13.83
C PRO D 139 8.18 -11.95 13.24
N THR D 140 8.85 -12.71 14.11
CA THR D 140 9.72 -13.78 13.68
C THR D 140 9.33 -15.11 14.32
N VAL D 141 9.92 -16.19 13.80
CA VAL D 141 9.82 -17.50 14.40
C VAL D 141 10.25 -17.41 15.86
N ASN D 142 11.27 -16.60 16.09
CA ASN D 142 11.84 -16.37 17.40
C ASN D 142 10.86 -15.74 18.38
N GLN D 143 10.04 -14.81 17.89
CA GLN D 143 9.15 -14.06 18.74
C GLN D 143 7.99 -14.90 19.24
N PHE D 144 7.56 -15.84 18.41
CA PHE D 144 6.49 -16.75 18.79
C PHE D 144 7.03 -17.81 19.75
N LEU D 145 8.16 -18.41 19.40
CA LEU D 145 8.81 -19.39 20.26
C LEU D 145 8.89 -18.96 21.73
N THR D 146 9.46 -17.77 22.00
CA THR D 146 9.67 -17.35 23.37
C THR D 146 8.37 -17.30 24.15
N GLN D 147 7.27 -17.09 23.44
CA GLN D 147 5.95 -17.05 24.07
C GLN D 147 5.44 -18.47 24.24
N TYR D 148 5.73 -19.31 23.24
CA TYR D 148 5.37 -20.72 23.27
C TYR D 148 6.12 -21.45 24.38
N PHE D 149 7.29 -20.92 24.75
CA PHE D 149 8.13 -21.55 25.76
C PHE D 149 7.52 -21.46 27.15
N LEU D 150 6.66 -20.46 27.37
CA LEU D 150 6.07 -20.23 28.69
C LEU D 150 5.08 -21.30 29.14
N HIS D 151 4.71 -22.18 28.22
CA HIS D 151 3.73 -23.23 28.49
C HIS D 151 4.37 -24.62 28.47
N LEU D 161 15.60 -24.86 23.02
CA LEU D 161 16.90 -24.77 22.37
C LEU D 161 16.98 -25.59 21.08
N LEU D 162 16.60 -26.86 21.15
CA LEU D 162 16.44 -27.64 19.93
C LEU D 162 15.32 -26.99 19.12
N ALA D 163 14.50 -26.21 19.81
CA ALA D 163 13.46 -25.40 19.17
C ALA D 163 14.11 -24.30 18.36
N MET D 164 15.06 -23.61 18.97
CA MET D 164 15.84 -22.60 18.27
C MET D 164 16.53 -23.21 17.06
N PHE D 165 17.12 -24.38 17.27
CA PHE D 165 17.90 -25.07 16.24
C PHE D 165 17.11 -25.27 14.96
N LEU D 166 15.94 -25.88 15.10
CA LEU D 166 15.10 -26.18 13.95
C LEU D 166 14.58 -24.90 13.31
N GLY D 167 14.06 -24.00 14.14
CA GLY D 167 13.56 -22.71 13.67
C GLY D 167 14.58 -22.04 12.79
N GLU D 168 15.83 -22.03 13.26
CA GLU D 168 16.96 -21.50 12.51
C GLU D 168 17.16 -22.24 11.20
N LEU D 169 17.18 -23.57 11.26
CA LEU D 169 17.35 -24.40 10.07
C LEU D 169 16.36 -24.04 8.97
N SER D 170 15.20 -23.54 9.36
CA SER D 170 14.16 -23.22 8.38
C SER D 170 14.45 -21.92 7.64
N LEU D 171 15.23 -21.02 8.26
CA LEU D 171 15.58 -19.76 7.62
C LEU D 171 16.41 -20.03 6.37
N ILE D 172 17.15 -21.13 6.41
CA ILE D 172 18.11 -21.48 5.36
C ILE D 172 17.44 -21.90 4.07
N ASP D 173 16.30 -22.57 4.17
CA ASP D 173 15.65 -23.18 3.02
C ASP D 173 14.31 -22.52 2.68
N ALA D 174 14.33 -21.56 1.77
CA ALA D 174 13.10 -20.87 1.34
C ALA D 174 12.02 -21.87 0.90
N ASP D 175 12.45 -22.95 0.27
CA ASP D 175 11.56 -24.07 -0.02
C ASP D 175 11.78 -25.14 1.04
N PRO D 176 10.72 -25.43 1.82
CA PRO D 176 9.38 -24.90 1.59
C PRO D 176 8.92 -23.88 2.63
N TYR D 177 9.82 -23.39 3.47
CA TYR D 177 9.41 -22.65 4.66
C TYR D 177 8.90 -21.23 4.42
N LEU D 178 8.96 -20.77 3.18
CA LEU D 178 8.51 -19.42 2.87
C LEU D 178 6.99 -19.36 2.82
N LYS D 179 6.36 -20.52 2.76
CA LYS D 179 4.90 -20.60 2.68
C LYS D 179 4.27 -20.79 4.06
N TYR D 180 5.07 -21.23 5.02
CA TYR D 180 4.60 -21.35 6.39
C TYR D 180 4.82 -20.02 7.11
N LEU D 181 3.83 -19.63 7.91
CA LEU D 181 3.95 -18.45 8.77
C LEU D 181 4.85 -18.73 9.97
N PRO D 182 5.45 -17.67 10.53
CA PRO D 182 6.35 -17.74 11.69
C PRO D 182 5.75 -18.54 12.84
N SER D 183 4.47 -18.29 13.15
CA SER D 183 3.80 -18.99 14.24
C SER D 183 3.71 -20.49 13.99
N VAL D 184 3.29 -20.84 12.78
CA VAL D 184 3.21 -22.22 12.33
C VAL D 184 4.59 -22.88 12.34
N ILE D 185 5.58 -22.19 11.78
CA ILE D 185 6.93 -22.71 11.88
C ILE D 185 7.28 -22.86 13.35
N ALA D 186 7.01 -21.82 14.14
CA ALA D 186 7.32 -21.82 15.57
C ALA D 186 6.64 -23.00 16.29
N GLY D 187 5.43 -23.34 15.86
CA GLY D 187 4.72 -24.46 16.44
C GLY D 187 5.37 -25.79 16.08
N ALA D 188 5.62 -25.99 14.79
CA ALA D 188 6.21 -27.24 14.32
C ALA D 188 7.56 -27.45 14.98
N ALA D 189 8.27 -26.36 15.24
CA ALA D 189 9.58 -26.43 15.87
C ALA D 189 9.47 -26.71 17.36
N PHE D 190 8.38 -26.25 17.97
CA PHE D 190 8.22 -26.43 19.40
C PHE D 190 7.85 -27.87 19.74
N HIS D 191 6.86 -28.40 19.04
CA HIS D 191 6.47 -29.79 19.21
C HIS D 191 7.67 -30.69 18.88
N LEU D 192 8.10 -30.65 17.63
CA LEU D 192 9.21 -31.48 17.16
C LEU D 192 10.37 -31.49 18.15
N ALA D 193 10.58 -30.38 18.85
CA ALA D 193 11.59 -30.31 19.89
C ALA D 193 11.23 -31.27 21.01
N TRP D 202 2.88 -30.99 22.05
CA TRP D 202 2.12 -29.78 21.76
C TRP D 202 1.01 -29.59 22.79
N PRO D 203 1.31 -28.83 23.85
CA PRO D 203 0.46 -28.53 25.01
C PRO D 203 -0.96 -28.09 24.68
N GLU D 204 -1.86 -28.27 25.63
CA GLU D 204 -3.26 -27.87 25.50
C GLU D 204 -3.38 -26.35 25.50
N SER D 205 -2.73 -25.72 26.47
CA SER D 205 -2.72 -24.27 26.60
C SER D 205 -2.32 -23.58 25.29
N LEU D 206 -1.33 -24.14 24.60
CA LEU D 206 -0.88 -23.63 23.31
C LEU D 206 -1.98 -23.76 22.26
N ILE D 207 -2.58 -24.93 22.18
CA ILE D 207 -3.71 -25.14 21.29
C ILE D 207 -4.80 -24.12 21.60
N ARG D 208 -4.97 -23.84 22.89
CA ARG D 208 -5.94 -22.85 23.35
C ARG D 208 -5.56 -21.45 22.89
N LYS D 209 -4.28 -21.11 23.06
CA LYS D 209 -3.76 -19.80 22.70
C LYS D 209 -3.69 -19.61 21.19
N THR D 210 -3.01 -20.54 20.53
CA THR D 210 -2.67 -20.40 19.11
C THR D 210 -3.76 -20.90 18.18
N GLY D 211 -4.62 -21.77 18.69
CA GLY D 211 -5.66 -22.38 17.87
C GLY D 211 -5.10 -23.40 16.90
N TYR D 212 -3.87 -23.83 17.14
CA TYR D 212 -3.22 -24.82 16.29
C TYR D 212 -3.32 -26.20 16.92
N THR D 213 -3.50 -27.22 16.08
CA THR D 213 -3.44 -28.61 16.52
C THR D 213 -2.44 -29.33 15.64
N LEU D 214 -1.97 -30.49 16.10
CA LEU D 214 -1.02 -31.25 15.31
C LEU D 214 -1.56 -31.45 13.90
N GLU D 215 -2.86 -31.69 13.80
CA GLU D 215 -3.52 -31.79 12.52
C GLU D 215 -3.22 -30.55 11.69
N SER D 216 -3.52 -29.39 12.27
CA SER D 216 -3.35 -28.13 11.57
C SER D 216 -1.91 -27.89 11.13
N LEU D 217 -0.95 -28.13 12.01
CA LEU D 217 0.45 -27.95 11.67
C LEU D 217 1.12 -29.25 11.17
N LYS D 218 0.34 -30.09 10.50
CA LYS D 218 0.83 -31.37 9.99
C LYS D 218 1.86 -31.24 8.87
N PRO D 219 1.53 -30.48 7.80
CA PRO D 219 2.41 -30.41 6.63
C PRO D 219 3.80 -29.90 6.99
N CYS D 220 3.83 -28.85 7.81
CA CYS D 220 5.07 -28.22 8.25
C CYS D 220 5.99 -29.22 8.93
N LEU D 221 5.42 -29.98 9.86
CA LEU D 221 6.19 -31.01 10.57
C LEU D 221 6.81 -32.05 9.65
N MET D 222 6.05 -32.45 8.62
CA MET D 222 6.55 -33.41 7.64
C MET D 222 7.82 -32.88 6.98
N ASP D 223 7.72 -31.65 6.47
CA ASP D 223 8.86 -30.96 5.88
C ASP D 223 9.99 -30.77 6.89
N LEU D 224 9.64 -30.28 8.08
CA LEU D 224 10.63 -29.98 9.11
C LEU D 224 11.38 -31.23 9.57
N HIS D 225 10.62 -32.30 9.82
CA HIS D 225 11.20 -33.57 10.19
C HIS D 225 12.23 -33.99 9.16
N GLN D 226 11.81 -34.06 7.89
CA GLN D 226 12.73 -34.41 6.82
C GLN D 226 13.95 -33.51 6.82
N THR D 227 13.75 -32.24 7.17
CA THR D 227 14.82 -31.26 7.24
C THR D 227 15.78 -31.58 8.37
N TYR D 228 15.24 -32.11 9.47
CA TYR D 228 16.05 -32.54 10.59
C TYR D 228 16.87 -33.78 10.23
N LEU D 229 16.22 -34.73 9.55
CA LEU D 229 16.89 -36.00 9.19
C LEU D 229 18.04 -35.82 8.20
N LYS D 230 17.88 -34.89 7.25
CA LYS D 230 18.93 -34.66 6.26
C LYS D 230 19.90 -33.56 6.64
N ALA D 231 19.73 -32.99 7.83
CA ALA D 231 20.60 -31.91 8.29
C ALA D 231 22.09 -32.17 8.03
N PRO D 232 22.59 -33.35 8.46
CA PRO D 232 24.00 -33.72 8.24
C PRO D 232 24.43 -33.70 6.76
N GLN D 233 23.51 -33.97 5.85
CA GLN D 233 23.83 -33.98 4.42
C GLN D 233 23.41 -32.68 3.71
N HIS D 234 23.26 -31.60 4.47
CA HIS D 234 22.90 -30.30 3.92
C HIS D 234 24.15 -29.48 3.63
N ALA D 235 24.12 -28.73 2.53
CA ALA D 235 25.29 -27.97 2.11
C ALA D 235 25.71 -26.91 3.12
N GLN D 236 24.73 -26.28 3.77
CA GLN D 236 25.03 -25.29 4.80
C GLN D 236 25.11 -25.99 6.14
N GLN D 237 26.06 -25.56 6.96
CA GLN D 237 26.39 -26.27 8.18
C GLN D 237 26.70 -25.32 9.34
N SER D 238 26.59 -24.02 9.08
CA SER D 238 26.88 -23.02 10.10
C SER D 238 25.99 -23.14 11.32
N ILE D 239 24.74 -23.57 11.12
CA ILE D 239 23.78 -23.64 12.21
C ILE D 239 23.96 -24.90 13.05
N ARG D 240 24.33 -26.01 12.41
CA ARG D 240 24.65 -27.23 13.15
C ARG D 240 25.79 -26.96 14.11
N GLU D 241 26.89 -26.43 13.58
CA GLU D 241 28.06 -26.14 14.38
C GLU D 241 27.74 -25.19 15.54
N LYS D 242 27.06 -24.09 15.24
CA LYS D 242 26.68 -23.12 16.27
C LYS D 242 26.01 -23.80 17.48
N TYR D 243 25.12 -24.74 17.20
CA TYR D 243 24.34 -25.40 18.24
C TYR D 243 25.02 -26.66 18.79
N LYS D 244 26.35 -26.64 18.77
CA LYS D 244 27.16 -27.67 19.41
C LYS D 244 27.76 -27.08 20.68
N ASN D 245 27.87 -25.76 20.69
CA ASN D 245 28.40 -25.05 21.84
C ASN D 245 27.52 -25.24 23.07
N SER D 246 28.14 -25.26 24.24
CA SER D 246 27.43 -25.40 25.50
C SER D 246 26.34 -24.33 25.61
N LYS D 247 26.53 -23.21 24.94
CA LYS D 247 25.56 -22.13 24.98
C LYS D 247 24.20 -22.69 24.61
N TYR D 248 24.19 -23.61 23.65
CA TYR D 248 22.95 -24.21 23.15
C TYR D 248 22.82 -25.68 23.55
N HIS D 249 23.69 -26.12 24.46
CA HIS D 249 23.61 -27.46 25.01
C HIS D 249 23.78 -28.52 23.93
N GLY D 250 24.77 -28.33 23.06
CA GLY D 250 25.06 -29.29 21.99
C GLY D 250 23.86 -30.05 21.47
N VAL D 251 22.72 -29.37 21.34
CA VAL D 251 21.48 -30.02 20.90
C VAL D 251 21.53 -30.49 19.45
N SER D 252 22.53 -30.03 18.71
CA SER D 252 22.60 -30.28 17.27
C SER D 252 23.06 -31.68 16.94
N LEU D 253 23.65 -32.36 17.92
CA LEU D 253 24.20 -33.70 17.72
C LEU D 253 23.27 -34.81 18.18
N LEU D 254 22.13 -34.45 18.75
CA LEU D 254 21.16 -35.45 19.20
C LEU D 254 20.45 -36.08 18.00
N ASN D 255 19.87 -37.25 18.21
CA ASN D 255 19.23 -37.98 17.12
C ASN D 255 17.75 -37.63 16.92
N PRO D 256 17.37 -37.30 15.68
CA PRO D 256 15.95 -37.10 15.35
C PRO D 256 15.17 -38.39 15.56
N PRO D 257 13.92 -38.26 16.01
CA PRO D 257 13.04 -39.39 16.37
C PRO D 257 12.63 -40.27 15.18
N GLU D 258 13.57 -40.52 14.26
CA GLU D 258 13.31 -41.37 13.10
C GLU D 258 12.05 -40.96 12.33
C01 T7Z E . 8.88 4.74 -26.75
N02 T7Z E . 9.45 3.43 -26.96
C03 T7Z E . 9.82 2.62 -25.80
N04 T7Z E . 9.49 2.95 -24.45
C05 T7Z E . 10.01 1.91 -23.49
C06 T7Z E . 9.81 2.00 -21.98
C07 T7Z E . 10.69 0.85 -24.22
C08 T7Z E . 11.40 -0.39 -23.64
N09 T7Z E . 12.60 -0.74 -24.17
C10 T7Z E . 13.28 -1.82 -23.73
N11 T7Z E . 14.55 -2.19 -24.30
C12 T7Z E . 14.93 -2.06 -25.70
C13 T7Z E . 14.02 -1.78 -26.74
C14 T7Z E . 14.50 -1.67 -28.08
S15 T7Z E . 13.33 -1.32 -29.43
N16 T7Z E . 13.46 0.28 -29.78
C17 T7Z E . 13.23 0.47 -31.09
C18 T7Z E . 13.57 1.87 -31.49
O19 T7Z E . 12.94 2.83 -30.60
C20 T7Z E . 13.45 2.59 -29.26
C21 T7Z E . 13.23 1.19 -28.80
O22 T7Z E . 13.64 -2.15 -30.57
O23 T7Z E . 11.97 -1.57 -29.03
C24 T7Z E . 15.88 -1.82 -28.36
C25 T7Z E . 16.44 -1.71 -29.74
C26 T7Z E . 16.78 -2.09 -27.33
C27 T7Z E . 16.30 -2.21 -26.00
N28 T7Z E . 12.79 -2.57 -22.72
C29 T7Z E . 11.63 -2.27 -22.13
C30 T7Z E . 10.88 -1.15 -22.59
C31 T7Z E . 9.56 -0.84 -21.95
N32 T7Z E . 8.56 -0.61 -21.42
S33 T7Z E . 10.67 1.19 -25.82
C1 SGM F . -6.58 1.67 -6.69
C2 SGM F . -5.98 0.93 -5.50
O2 SGM F . -5.22 1.85 -4.70
C3 SGM F . -5.08 -0.21 -5.99
O3 SGM F . -4.43 -0.86 -4.87
S1 SGM F . -7.80 2.93 -6.21
C01 T7Z G . 12.58 18.79 19.83
N02 T7Z G . 11.26 18.68 20.35
C03 T7Z G . 10.13 18.42 19.46
N04 T7Z G . 10.13 17.52 18.35
C05 T7Z G . 8.78 17.51 17.66
C06 T7Z G . 8.47 16.65 16.43
C07 T7Z G . 7.87 18.42 18.34
C08 T7Z G . 6.41 18.78 18.02
N09 T7Z G . 6.07 20.06 18.26
C10 T7Z G . 4.82 20.52 18.06
N11 T7Z G . 4.50 21.91 18.32
C12 T7Z G . 5.11 22.74 19.37
C13 T7Z G . 5.92 22.20 20.38
C14 T7Z G . 6.48 23.07 21.36
S15 T7Z G . 7.52 22.39 22.68
N16 T7Z G . 9.06 22.93 22.49
C17 T7Z G . 9.43 23.64 23.58
C18 T7Z G . 10.72 24.37 23.35
O19 T7Z G . 11.80 23.51 22.84
C20 T7Z G . 11.28 22.20 22.47
C21 T7Z G . 9.98 22.27 21.74
O22 T7Z G . 7.01 22.83 23.95
O23 T7Z G . 7.52 20.94 22.63
C24 T7Z G . 6.21 24.45 21.32
C25 T7Z G . 6.79 25.36 22.34
C26 T7Z G . 5.41 24.98 20.32
C27 T7Z G . 4.86 24.12 19.35
N28 T7Z G . 3.88 19.68 17.60
C29 T7Z G . 4.14 18.38 17.33
C30 T7Z G . 5.45 17.89 17.56
C31 T7Z G . 5.76 16.45 17.27
N32 T7Z G . 5.99 15.34 17.05
S33 T7Z G . 8.65 19.12 19.59
C1 SGM H . 5.89 -4.66 8.52
C2 SGM H . 4.45 -4.56 8.03
O2 SGM H . 4.42 -4.60 6.59
C3 SGM H . 3.83 -3.26 8.52
O3 SGM H . 2.65 -3.05 7.74
S1 SGM H . 6.63 -6.20 7.94
#